data_2V12
#
_entry.id   2V12
#
_cell.length_a   142.900
_cell.length_b   142.900
_cell.length_c   142.900
_cell.angle_alpha   90.00
_cell.angle_beta   90.00
_cell.angle_gamma   90.00
#
_symmetry.space_group_name_H-M   'P 21 3'
#
loop_
_entity.id
_entity.type
_entity.pdbx_description
1 polymer RENIN
2 non-polymer N-[(2S,4S,5S,7R)-4-AMINO-8-(BUTYLAMINO)-5-HYDROXY-7-METHYL-2-(1-METHYLETHYL)-8-OXOOCTYL]-2-(3-METHOXYPROPOXY)BENZAMIDE
#
_entity_poly.entity_id   1
_entity_poly.type   'polypeptide(L)'
_entity_poly.pdbx_seq_one_letter_code
;LTLGNTTSSVILTNYMDTQYYGEIGIGTPPQTFKVVFDTGSSNVWVPSSKCSRLYTACVYHKLFDASDSSSYKHNGTELT
LRYSTGTVSGFLSQDIITVGGITVTQMFGEVTEMPALPFMLAEFDGVVGMGFIEQAIGRVTPIFDNIISQGVLKEDVFSF
YYNRDSENSQSLGGQIVLGGSDPQHYEGNFHYINLIKTGVWQIQMKGVSVGSSTLLCEDGCLALVDTGASYISGSTSSIE
KLMEALGAKKRLFDYVVKCNEGPTLPDISFHLGGKEYTLTSADYVFQESYSSKKLCTLAIHAMDIPPPTGPTWALGATFI
RKFYTEFDRRNNRIGFALAR
;
_entity_poly.pdbx_strand_id   C,O
#
loop_
_chem_comp.id
_chem_comp.type
_chem_comp.name
_chem_comp.formula
C39 non-polymer N-[(2S,4S,5S,7R)-4-AMINO-8-(BUTYLAMINO)-5-HYDROXY-7-METHYL-2-(1-METHYLETHYL)-8-OXOOCTYL]-2-(3-METHOXYPROPOXY)BENZAMIDE 'C27 H47 N3 O5'
#
# COMPACT_ATOMS: atom_id res chain seq x y z
N GLY A 4 8.64 -18.23 -27.37
CA GLY A 4 7.96 -19.51 -27.49
C GLY A 4 6.59 -19.31 -26.86
N ASN A 5 6.14 -20.26 -26.05
CA ASN A 5 5.01 -19.97 -25.23
C ASN A 5 4.97 -20.80 -23.94
N THR A 6 5.15 -20.07 -22.83
CA THR A 6 4.80 -20.56 -21.52
C THR A 6 5.11 -19.39 -20.66
N THR A 7 4.26 -19.37 -19.65
CA THR A 7 4.55 -18.54 -18.51
C THR A 7 4.58 -19.39 -17.24
N SER A 8 5.66 -19.45 -16.46
CA SER A 8 5.52 -20.04 -15.15
C SER A 8 5.46 -18.89 -14.15
N SER A 9 5.08 -19.13 -12.91
CA SER A 9 5.04 -18.07 -11.92
C SER A 9 5.53 -18.76 -10.70
N VAL A 10 6.35 -18.06 -9.98
CA VAL A 10 6.81 -18.60 -8.76
C VAL A 10 5.94 -17.84 -7.79
N ILE A 11 5.60 -18.43 -6.68
CA ILE A 11 4.84 -17.75 -5.66
C ILE A 11 5.86 -17.38 -4.58
N LEU A 12 5.72 -16.31 -3.76
CA LEU A 12 6.73 -16.01 -2.75
C LEU A 12 6.11 -15.80 -1.39
N THR A 13 6.80 -16.04 -0.29
CA THR A 13 6.33 -15.88 1.07
C THR A 13 6.86 -14.54 1.53
N ASN A 14 6.08 -13.59 2.07
CA ASN A 14 6.60 -12.29 2.45
C ASN A 14 6.91 -12.31 3.93
N TYR A 15 8.14 -12.33 4.46
CA TYR A 15 8.38 -12.23 5.89
C TYR A 15 8.78 -10.78 6.15
N MET A 16 7.80 -10.19 6.84
CA MET A 16 7.78 -8.84 7.41
C MET A 16 8.31 -7.78 6.49
N ASP A 17 7.86 -7.81 5.25
CA ASP A 17 8.27 -6.90 4.20
C ASP A 17 9.78 -6.69 4.06
N THR A 18 10.51 -7.62 4.64
CA THR A 18 11.93 -7.61 4.65
C THR A 18 12.44 -8.75 3.80
N GLN A 19 11.86 -9.97 3.86
CA GLN A 19 12.37 -11.14 3.18
C GLN A 19 11.31 -11.66 2.29
N TYR A 20 11.59 -11.72 0.99
CA TYR A 20 10.67 -12.26 -0.01
C TYR A 20 11.28 -13.49 -0.65
N TYR A 21 11.03 -14.68 -0.18
CA TYR A 21 11.67 -15.83 -0.76
C TYR A 21 10.69 -16.76 -1.43
N GLY A 22 11.05 -17.42 -2.51
CA GLY A 22 10.19 -18.38 -3.18
C GLY A 22 10.87 -19.72 -3.01
N GLU A 23 10.53 -20.81 -3.73
CA GLU A 23 11.22 -22.09 -3.56
C GLU A 23 11.59 -22.83 -4.85
N ILE A 24 12.81 -23.34 -4.89
CA ILE A 24 13.29 -24.09 -6.04
C ILE A 24 13.58 -25.48 -5.55
N GLY A 25 13.60 -26.43 -6.49
CA GLY A 25 13.92 -27.83 -6.23
C GLY A 25 15.18 -28.23 -7.01
N ILE A 26 16.23 -28.70 -6.32
CA ILE A 26 17.48 -29.08 -6.98
C ILE A 26 17.60 -30.55 -6.69
N GLY A 27 17.89 -31.28 -7.72
CA GLY A 27 18.20 -32.67 -7.56
C GLY A 27 17.03 -33.56 -7.90
N THR A 28 17.45 -34.79 -8.11
CA THR A 28 16.60 -35.90 -8.40
C THR A 28 16.89 -36.94 -7.34
N PRO A 29 16.13 -37.09 -6.26
CA PRO A 29 14.87 -36.40 -6.00
C PRO A 29 15.14 -34.97 -5.52
N PRO A 30 14.17 -34.07 -5.52
CA PRO A 30 14.35 -32.72 -5.20
C PRO A 30 14.40 -32.58 -3.70
N GLN A 31 15.38 -31.69 -3.44
CA GLN A 31 15.74 -31.13 -2.14
C GLN A 31 15.15 -29.76 -2.31
N THR A 32 14.23 -29.28 -1.51
CA THR A 32 13.63 -28.01 -1.83
C THR A 32 14.30 -26.95 -1.00
N PHE A 33 14.56 -25.78 -1.55
CA PHE A 33 15.27 -24.80 -0.80
C PHE A 33 14.51 -23.56 -1.06
N LYS A 34 14.47 -22.77 -0.01
CA LYS A 34 13.86 -21.47 0.02
C LYS A 34 14.93 -20.55 -0.45
N VAL A 35 14.71 -19.77 -1.47
CA VAL A 35 15.73 -18.91 -2.00
C VAL A 35 15.19 -17.53 -2.29
N VAL A 36 16.04 -16.52 -2.58
CA VAL A 36 15.68 -15.12 -2.91
C VAL A 36 15.82 -14.90 -4.41
N PHE A 37 14.93 -14.27 -5.18
CA PHE A 37 15.21 -14.18 -6.58
C PHE A 37 15.70 -12.76 -6.69
N ASP A 38 17.02 -12.76 -6.77
CA ASP A 38 17.79 -11.55 -6.63
C ASP A 38 18.16 -10.82 -7.89
N THR A 39 17.63 -9.70 -8.39
CA THR A 39 18.17 -9.06 -9.58
C THR A 39 19.43 -8.28 -9.36
N GLY A 40 20.08 -8.24 -8.21
CA GLY A 40 21.37 -7.59 -8.10
C GLY A 40 22.58 -8.53 -8.32
N SER A 41 22.47 -9.86 -8.44
CA SER A 41 23.59 -10.75 -8.57
C SER A 41 23.25 -11.84 -9.58
N SER A 42 24.11 -12.77 -10.05
CA SER A 42 23.66 -13.69 -11.07
C SER A 42 24.08 -15.10 -10.83
N ASN A 43 24.41 -15.47 -9.60
CA ASN A 43 24.78 -16.85 -9.37
C ASN A 43 23.67 -17.48 -8.58
N VAL A 44 23.54 -18.81 -8.61
CA VAL A 44 22.58 -19.54 -7.81
C VAL A 44 23.43 -20.23 -6.75
N TRP A 45 23.06 -20.38 -5.51
CA TRP A 45 23.79 -21.17 -4.52
C TRP A 45 22.79 -21.60 -3.47
N VAL A 46 23.15 -22.64 -2.73
CA VAL A 46 22.39 -23.21 -1.65
C VAL A 46 23.42 -23.62 -0.63
N PRO A 47 23.23 -23.80 0.69
CA PRO A 47 24.23 -24.33 1.61
C PRO A 47 24.48 -25.77 1.25
N SER A 48 25.68 -26.22 1.54
CA SER A 48 26.10 -27.55 1.18
C SER A 48 26.20 -28.46 2.35
N SER A 49 25.93 -29.73 2.11
CA SER A 49 26.10 -30.78 3.06
C SER A 49 27.49 -30.64 3.58
N LYS A 50 28.45 -30.19 2.80
CA LYS A 50 29.79 -30.09 3.27
C LYS A 50 30.08 -28.83 4.08
N CYS A 51 29.09 -28.01 4.41
CA CYS A 51 29.35 -26.81 5.19
C CYS A 51 29.71 -27.22 6.59
N SER A 52 30.85 -26.79 7.13
CA SER A 52 31.17 -27.17 8.48
C SER A 52 30.21 -26.52 9.43
N ARG A 53 29.54 -27.30 10.22
CA ARG A 53 28.58 -26.83 11.21
C ARG A 53 29.19 -26.04 12.35
N LEU A 54 30.49 -25.75 12.26
CA LEU A 54 31.00 -24.76 13.17
C LEU A 54 30.47 -23.45 12.61
N TYR A 55 30.17 -23.28 11.32
CA TYR A 55 29.42 -22.12 10.88
C TYR A 55 28.01 -22.42 11.30
N THR A 56 27.49 -21.85 12.37
CA THR A 56 26.16 -22.26 12.80
C THR A 56 25.01 -21.78 11.90
N ALA A 57 25.16 -20.90 10.89
CA ALA A 57 24.14 -20.67 9.86
C ALA A 57 23.89 -21.99 9.15
N CYS A 58 24.92 -22.81 8.99
CA CYS A 58 24.76 -24.05 8.32
C CYS A 58 24.12 -24.92 9.30
N VAL A 59 24.19 -24.76 10.62
CA VAL A 59 23.41 -25.65 11.43
C VAL A 59 22.01 -25.20 11.16
N TYR A 60 21.65 -23.93 11.15
CA TYR A 60 20.24 -23.55 10.97
C TYR A 60 19.67 -23.49 9.56
N HIS A 61 20.30 -23.99 8.51
CA HIS A 61 19.70 -23.94 7.20
C HIS A 61 19.52 -25.34 6.64
N LYS A 62 19.00 -25.45 5.42
CA LYS A 62 18.74 -26.72 4.78
C LYS A 62 19.85 -26.75 3.73
N LEU A 63 20.49 -27.90 3.67
CA LEU A 63 21.66 -28.15 2.84
C LEU A 63 21.45 -29.26 1.77
N PHE A 64 22.19 -28.99 0.70
CA PHE A 64 22.18 -29.85 -0.45
C PHE A 64 23.11 -31.01 -0.24
N ASP A 65 22.55 -32.16 0.02
CA ASP A 65 23.32 -33.38 0.14
C ASP A 65 23.44 -34.00 -1.24
N ALA A 66 24.52 -33.71 -1.95
CA ALA A 66 24.67 -34.13 -3.32
C ALA A 66 24.87 -35.57 -3.57
N SER A 67 24.85 -36.43 -2.57
CA SER A 67 25.00 -37.85 -2.87
C SER A 67 23.65 -38.54 -2.85
N ASP A 68 22.59 -37.80 -3.13
CA ASP A 68 21.25 -38.30 -3.13
C ASP A 68 20.60 -37.92 -4.44
N SER A 69 21.25 -36.98 -5.14
CA SER A 69 20.75 -36.59 -6.43
C SER A 69 21.51 -37.59 -7.25
N SER A 70 20.72 -38.18 -8.14
CA SER A 70 21.21 -39.13 -9.11
C SER A 70 21.80 -38.38 -10.30
N SER A 71 21.27 -37.16 -10.42
CA SER A 71 21.65 -36.24 -11.45
C SER A 71 22.83 -35.34 -11.18
N TYR A 72 23.30 -35.21 -9.94
CA TYR A 72 24.35 -34.26 -9.64
C TYR A 72 25.56 -34.49 -10.53
N LYS A 73 26.18 -33.47 -11.09
CA LYS A 73 27.37 -33.66 -11.89
C LYS A 73 28.33 -32.80 -11.17
N HIS A 74 29.40 -33.46 -10.74
CA HIS A 74 30.50 -32.87 -10.03
C HIS A 74 31.07 -31.82 -10.91
N ASN A 75 31.64 -30.79 -10.28
CA ASN A 75 32.51 -29.88 -11.00
C ASN A 75 33.54 -29.35 -10.01
N GLY A 76 33.23 -28.96 -8.78
CA GLY A 76 34.27 -28.60 -7.82
C GLY A 76 35.11 -27.33 -7.97
N THR A 77 35.04 -26.42 -8.93
CA THR A 77 35.81 -25.17 -8.89
C THR A 77 35.35 -24.26 -7.79
N GLU A 78 36.23 -23.79 -6.91
CA GLU A 78 35.79 -22.91 -5.84
C GLU A 78 35.48 -21.57 -6.44
N LEU A 79 34.57 -20.87 -5.82
CA LEU A 79 34.24 -19.55 -6.24
C LEU A 79 33.89 -18.87 -4.93
N THR A 80 34.05 -17.57 -4.84
CA THR A 80 33.69 -16.87 -3.63
C THR A 80 32.78 -15.77 -4.13
N LEU A 81 31.67 -15.60 -3.41
CA LEU A 81 30.61 -14.63 -3.68
C LEU A 81 30.58 -13.52 -2.67
N ARG A 82 30.95 -12.36 -3.15
CA ARG A 82 31.09 -11.20 -2.28
C ARG A 82 29.87 -10.31 -2.44
N TYR A 83 28.90 -10.36 -1.56
CA TYR A 83 27.73 -9.52 -1.72
C TYR A 83 28.05 -8.29 -0.89
N SER A 84 27.27 -7.24 -1.14
CA SER A 84 27.26 -5.99 -0.41
C SER A 84 27.12 -6.20 1.09
N THR A 85 26.55 -7.30 1.56
CA THR A 85 26.30 -7.49 2.97
C THR A 85 27.09 -8.57 3.64
N GLY A 86 27.89 -9.31 2.91
CA GLY A 86 28.59 -10.42 3.49
C GLY A 86 28.85 -11.42 2.39
N THR A 87 29.80 -12.24 2.71
CA THR A 87 30.40 -13.07 1.70
C THR A 87 30.17 -14.54 1.91
N VAL A 88 29.97 -15.34 0.88
CA VAL A 88 29.88 -16.77 1.08
C VAL A 88 30.84 -17.37 0.09
N SER A 89 31.45 -18.49 0.40
CA SER A 89 32.45 -19.17 -0.41
C SER A 89 32.06 -20.65 -0.60
N GLY A 90 32.47 -21.43 -1.59
CA GLY A 90 32.01 -22.79 -1.72
C GLY A 90 32.49 -23.30 -3.05
N PHE A 91 31.91 -24.31 -3.70
CA PHE A 91 32.42 -24.78 -4.98
C PHE A 91 31.33 -25.08 -5.95
N LEU A 92 31.68 -25.29 -7.20
CA LEU A 92 30.68 -25.64 -8.18
C LEU A 92 30.07 -27.03 -8.27
N SER A 93 28.87 -27.02 -8.77
CA SER A 93 28.09 -28.23 -8.91
C SER A 93 27.14 -28.09 -10.07
N GLN A 94 26.51 -29.16 -10.55
CA GLN A 94 25.53 -29.06 -11.59
C GLN A 94 24.43 -29.98 -11.21
N ASP A 95 23.19 -29.61 -11.37
CA ASP A 95 22.08 -30.51 -11.15
C ASP A 95 20.88 -29.89 -11.81
N ILE A 96 19.73 -30.54 -11.82
CA ILE A 96 18.57 -29.98 -12.47
C ILE A 96 17.78 -29.15 -11.45
N ILE A 97 17.61 -27.84 -11.64
CA ILE A 97 16.85 -27.05 -10.68
C ILE A 97 15.47 -26.85 -11.26
N THR A 98 14.44 -26.74 -10.45
CA THR A 98 13.11 -26.48 -10.96
C THR A 98 12.85 -25.07 -10.59
N VAL A 99 12.39 -24.26 -11.50
CA VAL A 99 12.10 -22.92 -11.12
C VAL A 99 10.73 -22.84 -11.74
N GLY A 100 9.79 -23.01 -10.82
CA GLY A 100 8.33 -23.05 -10.99
C GLY A 100 7.75 -23.90 -12.12
N GLY A 101 7.70 -25.23 -12.13
CA GLY A 101 7.34 -25.90 -13.38
C GLY A 101 8.51 -26.05 -14.41
N ILE A 102 9.14 -24.99 -14.95
CA ILE A 102 10.32 -25.09 -15.85
C ILE A 102 11.45 -25.89 -15.17
N THR A 103 12.28 -26.59 -15.91
CA THR A 103 13.36 -27.37 -15.35
C THR A 103 14.62 -27.01 -16.09
N VAL A 104 15.72 -26.76 -15.42
CA VAL A 104 16.93 -26.43 -16.14
C VAL A 104 18.04 -27.28 -15.57
N THR A 105 19.06 -27.77 -16.28
CA THR A 105 20.26 -28.26 -15.59
C THR A 105 20.97 -26.98 -15.19
N GLN A 106 21.67 -26.83 -14.11
CA GLN A 106 22.17 -25.52 -13.83
C GLN A 106 23.44 -25.69 -13.08
N MET A 107 24.46 -24.90 -13.41
CA MET A 107 25.65 -24.96 -12.58
C MET A 107 25.36 -24.10 -11.36
N PHE A 108 25.54 -24.53 -10.12
CA PHE A 108 25.31 -23.67 -8.98
C PHE A 108 26.45 -23.79 -8.02
N GLY A 109 26.44 -23.02 -6.95
CA GLY A 109 27.49 -23.07 -5.97
C GLY A 109 26.94 -23.87 -4.79
N GLU A 110 27.73 -24.71 -4.17
CA GLU A 110 27.32 -25.41 -2.98
C GLU A 110 28.10 -24.56 -2.02
N VAL A 111 27.48 -23.73 -1.17
CA VAL A 111 28.23 -22.89 -0.25
C VAL A 111 28.70 -23.68 0.93
N THR A 112 29.98 -23.55 1.26
CA THR A 112 30.57 -24.30 2.32
C THR A 112 31.02 -23.43 3.47
N GLU A 113 31.01 -22.12 3.38
CA GLU A 113 31.48 -21.28 4.47
C GLU A 113 30.42 -20.24 4.50
N MET A 114 29.61 -20.15 5.52
CA MET A 114 28.51 -19.24 5.52
C MET A 114 28.66 -18.51 6.87
N PRO A 115 29.14 -17.26 6.89
CA PRO A 115 29.23 -16.44 8.09
C PRO A 115 27.83 -16.04 8.58
N ALA A 116 27.72 -16.38 9.86
CA ALA A 116 26.56 -16.12 10.64
C ALA A 116 26.03 -14.72 10.54
N LEU A 117 26.80 -13.66 10.54
CA LEU A 117 26.11 -12.41 10.31
C LEU A 117 26.42 -12.10 8.86
N PRO A 118 25.41 -11.90 8.04
CA PRO A 118 24.05 -11.76 8.45
C PRO A 118 23.26 -13.00 8.12
N PHE A 119 23.81 -14.15 7.77
CA PHE A 119 22.91 -15.20 7.32
C PHE A 119 22.27 -16.02 8.42
N MET A 120 22.59 -15.83 9.70
CA MET A 120 21.91 -16.46 10.83
C MET A 120 20.54 -15.86 11.02
N LEU A 121 20.46 -14.67 10.44
CA LEU A 121 19.33 -13.78 10.40
C LEU A 121 18.42 -13.86 9.19
N ALA A 122 18.77 -14.72 8.24
CA ALA A 122 18.05 -14.89 7.00
C ALA A 122 17.02 -16.00 6.90
N GLU A 123 15.72 -15.79 6.74
CA GLU A 123 14.75 -16.85 6.52
C GLU A 123 14.93 -17.57 5.20
N PHE A 124 15.73 -17.13 4.27
CA PHE A 124 15.86 -17.88 3.05
C PHE A 124 17.09 -18.77 3.13
N ASP A 125 17.17 -19.90 2.41
CA ASP A 125 18.35 -20.75 2.38
C ASP A 125 19.38 -20.29 1.37
N GLY A 126 18.99 -19.79 0.20
CA GLY A 126 19.98 -19.47 -0.82
C GLY A 126 19.53 -18.39 -1.76
N VAL A 127 20.30 -18.13 -2.83
CA VAL A 127 20.11 -17.05 -3.81
C VAL A 127 19.87 -17.58 -5.22
N VAL A 128 18.93 -17.10 -6.03
CA VAL A 128 18.86 -17.47 -7.42
C VAL A 128 19.13 -16.13 -8.04
N GLY A 129 20.33 -15.90 -8.51
CA GLY A 129 20.68 -14.66 -9.13
C GLY A 129 19.94 -14.58 -10.42
N MET A 130 19.36 -13.42 -10.55
CA MET A 130 18.57 -13.07 -11.72
C MET A 130 19.26 -12.01 -12.59
N GLY A 131 20.53 -11.71 -12.43
CA GLY A 131 21.19 -10.69 -13.23
C GLY A 131 21.67 -11.23 -14.56
N PHE A 132 22.58 -10.48 -15.18
CA PHE A 132 23.13 -10.81 -16.49
C PHE A 132 24.38 -11.60 -16.35
N ILE A 133 25.05 -12.05 -17.41
CA ILE A 133 26.23 -12.89 -17.19
C ILE A 133 27.47 -12.12 -16.84
N GLU A 134 27.41 -10.82 -17.02
CA GLU A 134 28.55 -9.96 -16.80
C GLU A 134 28.77 -9.71 -15.35
N GLN A 135 27.83 -10.11 -14.51
CA GLN A 135 28.09 -10.00 -13.11
C GLN A 135 28.09 -11.39 -12.43
N ALA A 136 28.12 -12.50 -13.16
CA ALA A 136 28.10 -13.80 -12.49
C ALA A 136 29.52 -14.18 -12.22
N ILE A 137 29.82 -14.44 -10.96
CA ILE A 137 31.17 -14.83 -10.58
C ILE A 137 31.42 -16.17 -11.24
N GLY A 138 32.52 -16.13 -11.97
CA GLY A 138 33.00 -17.32 -12.64
C GLY A 138 32.22 -17.69 -13.88
N ARG A 139 31.46 -16.78 -14.44
CA ARG A 139 30.62 -16.96 -15.66
C ARG A 139 29.55 -18.03 -15.62
N VAL A 140 29.29 -18.73 -14.52
CA VAL A 140 28.21 -19.68 -14.40
C VAL A 140 26.93 -19.05 -14.92
N THR A 141 26.68 -19.45 -16.15
CA THR A 141 25.56 -19.02 -16.91
C THR A 141 24.23 -19.06 -16.17
N PRO A 142 23.64 -17.89 -16.02
CA PRO A 142 22.64 -17.60 -15.03
C PRO A 142 21.36 -18.33 -15.33
N ILE A 143 20.54 -18.59 -14.31
CA ILE A 143 19.34 -19.36 -14.50
C ILE A 143 18.51 -18.71 -15.53
N PHE A 144 18.35 -17.41 -15.64
CA PHE A 144 17.41 -17.02 -16.63
C PHE A 144 17.94 -17.27 -18.02
N ASP A 145 19.23 -17.27 -18.31
CA ASP A 145 19.66 -17.55 -19.68
C ASP A 145 19.39 -19.04 -19.95
N ASN A 146 19.40 -19.93 -18.99
CA ASN A 146 19.16 -21.31 -19.30
C ASN A 146 17.74 -21.56 -19.68
N ILE A 147 16.79 -20.99 -18.96
CA ILE A 147 15.37 -21.14 -19.31
C ILE A 147 15.20 -20.54 -20.71
N ILE A 148 15.74 -19.34 -20.95
CA ILE A 148 15.65 -18.77 -22.27
C ILE A 148 16.31 -19.71 -23.25
N SER A 149 17.45 -20.37 -23.16
CA SER A 149 17.87 -21.20 -24.26
C SER A 149 16.94 -22.37 -24.52
N GLN A 150 16.20 -22.78 -23.49
CA GLN A 150 15.25 -23.86 -23.60
C GLN A 150 14.10 -23.59 -24.57
N GLY A 151 13.92 -22.36 -25.05
CA GLY A 151 12.90 -21.95 -26.04
C GLY A 151 11.39 -21.98 -25.61
N VAL A 152 11.29 -22.01 -24.29
CA VAL A 152 10.01 -22.22 -23.73
C VAL A 152 9.13 -21.01 -23.57
N LEU A 153 9.56 -19.98 -22.80
CA LEU A 153 8.74 -18.77 -22.46
C LEU A 153 8.04 -17.94 -23.56
N LYS A 154 6.85 -17.40 -23.30
CA LYS A 154 6.17 -16.58 -24.30
C LYS A 154 7.00 -15.33 -24.59
N GLU A 155 7.60 -14.75 -23.57
CA GLU A 155 8.36 -13.53 -23.72
C GLU A 155 9.61 -13.55 -22.88
N ASP A 156 10.70 -12.93 -23.33
CA ASP A 156 11.91 -12.94 -22.55
C ASP A 156 11.86 -11.75 -21.60
N VAL A 157 11.06 -11.94 -20.55
CA VAL A 157 10.88 -10.96 -19.47
C VAL A 157 10.55 -11.64 -18.15
N PHE A 158 10.93 -11.18 -16.94
CA PHE A 158 10.34 -11.68 -15.69
C PHE A 158 9.74 -10.52 -14.91
N SER A 159 8.70 -10.74 -14.14
CA SER A 159 8.16 -9.64 -13.40
C SER A 159 8.05 -9.94 -11.95
N PHE A 160 8.38 -8.97 -11.10
CA PHE A 160 8.30 -9.11 -9.68
C PHE A 160 7.12 -8.39 -9.12
N TYR A 161 6.28 -9.02 -8.35
CA TYR A 161 5.22 -8.36 -7.60
C TYR A 161 5.51 -8.56 -6.13
N TYR A 162 5.77 -7.55 -5.31
CA TYR A 162 6.05 -7.71 -3.89
C TYR A 162 4.86 -7.03 -3.24
N ASN A 163 4.28 -7.65 -2.23
CA ASN A 163 2.96 -7.28 -1.77
C ASN A 163 3.07 -6.68 -0.42
N ARG A 164 2.13 -5.81 -0.08
CA ARG A 164 2.16 -5.24 1.24
C ARG A 164 1.96 -6.51 2.07
N ASP A 165 2.82 -6.87 3.04
CA ASP A 165 2.56 -8.14 3.74
C ASP A 165 1.25 -8.05 4.44
N SER A 166 0.85 -9.32 4.48
CA SER A 166 -0.38 -9.91 5.03
C SER A 166 -1.37 -10.15 3.83
N GLU A 167 -0.84 -10.69 2.83
N SER A 171 -2.64 -12.13 1.70
CA SER A 171 -2.59 -13.57 1.81
C SER A 171 -1.29 -13.90 1.03
N LEU A 172 -1.14 -14.29 -0.29
CA LEU A 172 0.17 -14.55 -0.92
C LEU A 172 1.21 -13.42 -0.74
N GLY A 173 2.47 -13.75 -0.59
CA GLY A 173 3.41 -12.74 -0.22
C GLY A 173 3.91 -11.97 -1.41
N GLY A 174 3.80 -12.56 -2.59
CA GLY A 174 4.33 -11.93 -3.78
C GLY A 174 4.31 -12.93 -4.88
N GLN A 175 4.72 -12.56 -6.07
CA GLN A 175 4.67 -13.50 -7.17
C GLN A 175 5.65 -13.12 -8.28
N ILE A 176 6.42 -14.03 -8.86
CA ILE A 176 7.32 -13.73 -9.96
C ILE A 176 6.61 -14.37 -11.10
N VAL A 177 6.72 -13.84 -12.27
CA VAL A 177 6.13 -14.49 -13.39
C VAL A 177 7.36 -14.62 -14.22
N LEU A 178 7.48 -15.70 -14.93
CA LEU A 178 8.58 -15.95 -15.80
C LEU A 178 7.93 -15.96 -17.16
N GLY A 179 8.34 -15.08 -18.03
CA GLY A 179 7.84 -15.08 -19.39
C GLY A 179 6.82 -13.99 -19.68
N GLY A 180 6.49 -13.12 -18.72
CA GLY A 180 5.40 -12.18 -18.93
C GLY A 180 5.26 -11.24 -17.76
N SER A 181 4.02 -10.88 -17.39
CA SER A 181 3.72 -9.93 -16.34
C SER A 181 2.27 -10.16 -16.02
N ASP A 182 1.79 -10.34 -14.78
CA ASP A 182 0.41 -10.70 -14.47
C ASP A 182 -0.46 -9.47 -14.34
N PRO A 183 -1.42 -9.16 -15.14
CA PRO A 183 -2.16 -7.92 -15.03
C PRO A 183 -3.31 -8.08 -14.03
N GLN A 184 -3.05 -8.72 -12.92
CA GLN A 184 -4.01 -8.61 -11.88
C GLN A 184 -3.20 -7.90 -10.84
N HIS A 185 -1.95 -7.45 -11.05
CA HIS A 185 -1.18 -6.85 -9.96
C HIS A 185 -0.57 -5.55 -10.40
N TYR A 186 -1.12 -4.98 -11.45
CA TYR A 186 -0.64 -3.71 -11.87
C TYR A 186 -1.76 -2.98 -12.53
N GLU A 187 -1.81 -1.69 -12.43
CA GLU A 187 -2.82 -0.94 -13.14
C GLU A 187 -2.06 0.24 -13.71
N GLY A 188 -2.72 0.80 -14.70
CA GLY A 188 -2.12 1.96 -15.37
C GLY A 188 -1.27 1.41 -16.48
N ASN A 189 -0.46 2.24 -17.06
CA ASN A 189 0.31 1.63 -18.13
C ASN A 189 1.75 1.35 -17.75
N PHE A 190 2.52 0.61 -18.52
CA PHE A 190 3.85 0.36 -18.06
C PHE A 190 4.67 1.56 -18.37
N HIS A 191 5.78 1.82 -17.67
CA HIS A 191 6.70 2.91 -18.01
C HIS A 191 8.01 2.30 -18.03
N TYR A 192 8.68 2.38 -19.16
CA TYR A 192 9.93 1.72 -19.30
C TYR A 192 11.12 2.64 -19.24
N ILE A 193 12.19 2.28 -18.56
CA ILE A 193 13.39 3.08 -18.39
C ILE A 193 14.48 2.19 -18.96
N ASN A 194 15.28 2.60 -19.95
CA ASN A 194 16.30 1.69 -20.54
C ASN A 194 17.53 1.52 -19.68
N LEU A 195 18.29 0.45 -19.99
CA LEU A 195 19.44 0.27 -19.15
C LEU A 195 20.50 1.21 -19.67
N ILE A 196 21.36 1.61 -18.76
CA ILE A 196 22.54 2.37 -19.14
C ILE A 196 23.54 1.49 -19.88
N LYS A 197 23.78 0.23 -19.45
CA LYS A 197 24.72 -0.70 -20.10
C LYS A 197 24.11 -2.08 -20.07
N THR A 198 24.47 -3.03 -20.94
CA THR A 198 23.99 -4.38 -20.62
C THR A 198 25.11 -4.95 -19.76
N GLY A 199 24.56 -5.86 -18.95
CA GLY A 199 25.34 -6.42 -17.92
C GLY A 199 24.59 -6.21 -16.63
N VAL A 200 23.93 -5.08 -16.33
CA VAL A 200 23.30 -5.01 -15.03
C VAL A 200 21.98 -4.24 -15.07
N TRP A 201 21.06 -4.54 -14.14
CA TRP A 201 19.77 -3.90 -14.08
C TRP A 201 19.93 -2.59 -13.41
N GLN A 202 20.61 -1.66 -14.04
CA GLN A 202 20.80 -0.36 -13.44
C GLN A 202 20.35 0.73 -14.39
N ILE A 203 19.68 1.73 -13.86
CA ILE A 203 19.10 2.74 -14.72
C ILE A 203 19.54 4.13 -14.26
N GLN A 204 19.45 5.11 -15.17
CA GLN A 204 19.89 6.44 -14.87
C GLN A 204 18.77 7.08 -14.09
N MET A 205 19.12 7.70 -12.98
CA MET A 205 18.16 8.43 -12.16
C MET A 205 18.57 9.87 -11.87
N LYS A 206 17.68 10.86 -12.11
CA LYS A 206 18.00 12.25 -11.80
C LYS A 206 17.09 13.06 -10.92
N GLY A 207 17.51 12.94 -9.68
CA GLY A 207 16.95 13.75 -8.62
C GLY A 207 15.92 13.08 -7.75
N VAL A 208 16.22 13.05 -6.46
CA VAL A 208 15.33 12.55 -5.46
C VAL A 208 14.78 13.83 -4.86
N SER A 209 13.54 13.79 -4.45
CA SER A 209 12.89 15.02 -4.01
C SER A 209 12.38 14.73 -2.64
N VAL A 210 12.83 15.43 -1.61
CA VAL A 210 12.12 15.24 -0.38
C VAL A 210 11.12 16.38 -0.36
N GLY A 211 9.87 15.98 -0.19
CA GLY A 211 8.77 16.92 -0.18
C GLY A 211 8.74 17.63 -1.50
N SER A 212 9.11 18.90 -1.38
CA SER A 212 9.06 19.84 -2.49
C SER A 212 10.30 19.92 -3.42
N SER A 213 11.50 20.23 -2.92
CA SER A 213 12.52 20.61 -3.91
C SER A 213 13.56 19.53 -4.16
N THR A 214 14.19 19.45 -5.35
CA THR A 214 15.09 18.34 -5.64
C THR A 214 16.29 18.58 -4.75
N LEU A 215 16.14 17.90 -3.65
CA LEU A 215 17.11 17.99 -2.65
C LEU A 215 18.38 17.32 -3.09
N LEU A 216 18.27 16.29 -3.91
CA LEU A 216 19.42 15.44 -4.01
C LEU A 216 19.53 14.69 -5.33
N CYS A 217 20.70 14.20 -5.71
CA CYS A 217 20.90 13.56 -7.02
C CYS A 217 20.49 14.49 -8.14
N GLU A 218 20.56 15.80 -7.87
CA GLU A 218 20.38 16.84 -8.89
C GLU A 218 21.62 16.72 -9.77
N ASP A 219 21.40 16.64 -11.11
CA ASP A 219 22.36 16.36 -12.22
C ASP A 219 22.24 14.87 -12.46
N GLY A 220 22.21 13.96 -11.49
CA GLY A 220 21.95 12.56 -11.80
C GLY A 220 22.76 11.65 -10.89
N CYS A 221 22.34 10.38 -10.85
CA CYS A 221 23.00 9.31 -10.13
C CYS A 221 22.40 8.00 -10.60
N LEU A 222 22.94 6.84 -10.23
CA LEU A 222 22.40 5.59 -10.76
C LEU A 222 21.33 4.94 -9.83
N ALA A 223 20.49 4.01 -10.29
CA ALA A 223 19.64 3.34 -9.36
C ALA A 223 19.61 1.89 -9.80
N LEU A 224 20.22 0.99 -9.08
CA LEU A 224 20.09 -0.42 -9.42
C LEU A 224 18.68 -0.83 -8.98
N VAL A 225 17.92 -1.72 -9.62
CA VAL A 225 16.61 -2.10 -9.09
C VAL A 225 16.74 -3.58 -8.79
N ASP A 226 17.02 -3.74 -7.51
CA ASP A 226 17.41 -4.98 -6.87
C ASP A 226 16.24 -5.50 -6.09
N THR A 227 15.69 -6.59 -6.54
CA THR A 227 14.61 -7.23 -5.86
C THR A 227 15.02 -8.03 -4.65
N GLY A 228 16.28 -8.30 -4.47
CA GLY A 228 16.72 -9.09 -3.36
C GLY A 228 17.36 -8.15 -2.38
N ALA A 229 16.64 -7.12 -1.97
CA ALA A 229 17.11 -6.17 -0.98
C ALA A 229 15.86 -5.52 -0.43
N SER A 230 15.70 -5.51 0.88
CA SER A 230 14.53 -4.97 1.52
C SER A 230 14.35 -3.48 1.45
N TYR A 231 15.42 -2.68 1.42
CA TYR A 231 15.21 -1.26 1.63
C TYR A 231 15.50 -0.42 0.43
N ILE A 232 15.31 0.88 0.48
CA ILE A 232 15.86 1.70 -0.58
C ILE A 232 17.23 2.19 -0.09
N SER A 233 18.33 1.99 -0.82
CA SER A 233 19.64 2.26 -0.30
C SER A 233 20.12 3.43 -1.02
N GLY A 234 20.88 4.16 -0.29
CA GLY A 234 21.64 5.19 -0.91
C GLY A 234 22.92 5.33 -0.10
N SER A 235 23.94 5.60 -0.89
CA SER A 235 25.22 6.06 -0.41
C SER A 235 25.18 6.84 0.91
N THR A 236 26.07 6.57 1.83
CA THR A 236 26.09 7.21 3.14
C THR A 236 26.14 8.74 3.01
N SER A 237 27.08 9.15 2.16
CA SER A 237 27.32 10.55 1.84
C SER A 237 26.08 11.26 1.35
N SER A 238 24.99 10.55 1.01
CA SER A 238 23.83 11.16 0.36
C SER A 238 22.60 10.85 1.14
N ILE A 239 22.52 9.66 1.72
CA ILE A 239 21.36 9.31 2.50
C ILE A 239 21.43 10.24 3.67
N GLU A 240 22.57 10.49 4.32
CA GLU A 240 22.50 11.24 5.55
C GLU A 240 21.99 12.67 5.37
N LYS A 241 22.05 13.17 4.16
CA LYS A 241 21.50 14.47 3.91
C LYS A 241 20.03 14.28 3.76
N LEU A 242 19.54 13.20 3.14
CA LEU A 242 18.12 12.99 3.02
C LEU A 242 17.59 12.77 4.43
N MET A 243 18.40 12.12 5.24
CA MET A 243 17.98 11.83 6.56
C MET A 243 17.99 13.09 7.37
N GLU A 244 18.85 14.08 7.07
CA GLU A 244 18.92 15.33 7.84
C GLU A 244 17.57 16.03 7.67
N ALA A 245 17.15 16.01 6.42
CA ALA A 245 15.93 16.69 6.07
C ALA A 245 14.80 16.02 6.78
N LEU A 246 14.62 14.72 6.61
CA LEU A 246 13.52 14.07 7.27
C LEU A 246 13.64 14.19 8.79
N GLY A 247 14.82 14.43 9.30
CA GLY A 247 15.03 14.63 10.72
C GLY A 247 14.92 13.34 11.49
N ALA A 248 15.61 12.29 10.98
CA ALA A 248 15.60 10.98 11.65
C ALA A 248 16.98 10.76 12.24
N LYS A 249 17.02 9.79 13.16
CA LYS A 249 18.15 9.49 14.03
C LYS A 249 18.87 8.23 13.54
N LYS A 250 20.14 8.04 13.94
CA LYS A 250 21.02 7.04 13.34
C LYS A 250 21.07 5.60 13.81
N ARG A 251 20.53 5.29 14.98
CA ARG A 251 20.56 3.97 15.62
C ARG A 251 21.34 2.76 15.06
N LEU A 252 22.61 2.95 14.59
CA LEU A 252 23.62 1.96 14.12
C LEU A 252 23.53 1.29 12.78
N PHE A 253 22.39 0.63 12.53
CA PHE A 253 22.15 0.01 11.24
C PHE A 253 20.98 0.57 10.40
N ASP A 254 20.00 1.27 11.03
CA ASP A 254 18.83 1.80 10.33
C ASP A 254 18.59 3.25 10.69
N TYR A 255 17.55 3.90 10.22
CA TYR A 255 17.29 5.25 10.69
C TYR A 255 16.01 5.14 11.45
N VAL A 256 15.71 6.12 12.28
CA VAL A 256 14.59 5.94 13.15
C VAL A 256 14.02 7.30 13.47
N VAL A 257 12.72 7.42 13.52
CA VAL A 257 12.12 8.71 13.73
C VAL A 257 11.27 8.55 14.97
N LYS A 258 10.87 9.61 15.65
CA LYS A 258 10.02 9.41 16.83
C LYS A 258 8.71 8.95 16.24
N CYS A 259 8.09 7.89 16.70
CA CYS A 259 6.94 7.34 16.01
C CYS A 259 5.79 8.26 15.78
N ASN A 260 5.38 9.10 16.72
CA ASN A 260 4.26 9.98 16.46
C ASN A 260 4.54 11.04 15.39
N GLU A 261 5.64 11.04 14.64
CA GLU A 261 5.86 11.96 13.52
C GLU A 261 5.43 11.30 12.23
N GLY A 262 5.91 10.07 11.99
CA GLY A 262 5.72 9.27 10.77
C GLY A 262 4.71 9.79 9.76
N PRO A 263 3.43 9.72 10.08
CA PRO A 263 2.36 10.12 9.21
C PRO A 263 2.27 11.56 8.78
N THR A 264 3.35 12.32 9.01
CA THR A 264 3.51 13.70 8.57
C THR A 264 4.74 13.91 7.63
N LEU A 265 5.72 12.98 7.70
CA LEU A 265 6.98 13.07 6.97
C LEU A 265 6.76 13.19 5.46
N PRO A 266 7.39 14.19 4.85
CA PRO A 266 7.16 14.56 3.46
C PRO A 266 7.36 13.42 2.46
N ASP A 267 6.54 13.35 1.41
CA ASP A 267 6.67 12.36 0.34
C ASP A 267 8.10 12.28 -0.19
N ILE A 268 8.73 11.16 -0.48
CA ILE A 268 10.02 11.21 -1.11
C ILE A 268 9.68 10.92 -2.56
N SER A 269 10.33 11.52 -3.54
CA SER A 269 10.00 11.24 -4.91
C SER A 269 11.26 10.89 -5.62
N PHE A 270 11.16 9.99 -6.59
CA PHE A 270 12.26 9.52 -7.39
C PHE A 270 11.98 9.83 -8.83
N HIS A 271 12.96 10.27 -9.59
CA HIS A 271 12.75 10.66 -10.98
C HIS A 271 13.22 9.66 -12.01
N LEU A 272 12.64 8.48 -11.99
CA LEU A 272 13.16 7.50 -12.89
C LEU A 272 12.59 7.76 -14.26
N GLY A 273 13.64 7.96 -15.06
CA GLY A 273 13.54 8.12 -16.49
C GLY A 273 12.25 8.80 -16.94
N GLY A 274 12.04 10.02 -16.51
CA GLY A 274 10.95 10.77 -17.09
C GLY A 274 9.62 10.63 -16.42
N LYS A 275 9.46 9.99 -15.26
CA LYS A 275 8.21 10.13 -14.53
C LYS A 275 8.54 10.34 -13.03
N GLU A 276 7.65 10.54 -12.06
CA GLU A 276 8.13 10.83 -10.72
C GLU A 276 7.41 9.81 -9.89
N TYR A 277 8.19 8.83 -9.40
CA TYR A 277 7.69 7.71 -8.58
C TYR A 277 7.65 8.14 -7.13
N THR A 278 6.54 8.05 -6.39
CA THR A 278 6.54 8.71 -5.11
C THR A 278 5.95 7.89 -4.02
N LEU A 279 6.69 8.02 -2.94
CA LEU A 279 6.36 7.28 -1.78
C LEU A 279 5.79 8.25 -0.81
N THR A 280 4.60 8.12 -0.31
CA THR A 280 4.28 8.92 0.83
C THR A 280 4.87 8.18 2.03
N SER A 281 4.68 8.73 3.22
CA SER A 281 5.14 8.28 4.53
C SER A 281 4.60 6.99 5.18
N ALA A 282 3.78 6.23 4.44
CA ALA A 282 3.27 4.93 4.86
C ALA A 282 4.32 4.21 4.05
N ASP A 283 4.30 4.21 2.72
CA ASP A 283 5.24 3.57 1.84
C ASP A 283 6.61 3.38 2.48
N TYR A 284 7.25 4.39 3.07
CA TYR A 284 8.54 4.13 3.67
C TYR A 284 8.62 4.05 5.17
N VAL A 285 7.63 4.19 6.06
CA VAL A 285 7.76 4.20 7.53
C VAL A 285 7.14 2.97 8.16
N PHE A 286 7.90 2.29 9.04
CA PHE A 286 7.41 1.10 9.68
C PHE A 286 6.70 1.52 10.91
N GLN A 287 5.47 1.93 10.68
CA GLN A 287 4.59 2.41 11.73
C GLN A 287 4.17 1.38 12.79
N GLU A 288 5.00 0.76 13.64
CA GLU A 288 4.53 -0.17 14.68
C GLU A 288 3.89 0.61 15.83
N SER A 289 3.78 1.95 15.80
CA SER A 289 3.30 2.71 16.94
C SER A 289 2.88 4.15 16.59
N TYR A 290 2.14 4.85 17.45
CA TYR A 290 2.00 6.27 17.17
C TYR A 290 2.40 7.11 18.43
N SER A 291 3.22 6.44 19.22
CA SER A 291 3.66 7.01 20.47
C SER A 291 4.74 8.06 20.29
N SER A 292 4.75 8.85 21.35
CA SER A 292 5.76 9.84 21.63
C SER A 292 6.99 9.06 21.93
N LYS A 293 6.86 8.03 22.79
CA LYS A 293 8.00 7.14 23.00
C LYS A 293 8.06 6.29 21.73
N LYS A 294 8.87 5.23 21.70
CA LYS A 294 8.93 4.32 20.57
C LYS A 294 9.43 5.04 19.34
N LEU A 295 10.37 4.38 18.74
CA LEU A 295 10.95 4.92 17.53
C LEU A 295 10.53 3.90 16.49
N CYS A 296 9.99 4.30 15.34
CA CYS A 296 9.59 3.39 14.26
C CYS A 296 10.74 3.41 13.24
N THR A 297 10.97 2.41 12.42
CA THR A 297 12.12 2.48 11.52
C THR A 297 11.85 2.97 10.11
N LEU A 298 12.60 3.88 9.54
CA LEU A 298 12.35 4.31 8.19
C LEU A 298 12.85 3.17 7.36
N ALA A 299 12.22 2.79 6.27
CA ALA A 299 12.62 1.68 5.44
C ALA A 299 13.51 2.05 4.26
N ILE A 300 14.33 3.04 4.51
CA ILE A 300 15.28 3.61 3.56
C ILE A 300 16.50 3.62 4.44
N HIS A 301 17.69 3.20 4.07
CA HIS A 301 18.81 3.48 4.94
C HIS A 301 20.06 3.45 4.09
N ALA A 302 21.12 4.09 4.51
CA ALA A 302 22.31 4.12 3.69
C ALA A 302 23.11 2.84 3.68
N MET A 303 23.86 2.54 2.61
CA MET A 303 24.69 1.34 2.41
C MET A 303 25.60 1.54 1.19
N ASP A 304 26.93 1.41 1.13
CA ASP A 304 27.64 1.79 -0.12
C ASP A 304 28.07 0.68 -1.00
N ILE A 305 27.26 0.39 -2.01
CA ILE A 305 27.63 -0.61 -3.00
C ILE A 305 28.96 -0.18 -3.64
N PRO A 306 29.85 -1.14 -3.74
CA PRO A 306 31.19 -0.96 -4.21
C PRO A 306 31.33 -0.87 -5.73
N PRO A 307 32.36 -0.19 -6.16
CA PRO A 307 32.40 0.35 -7.47
C PRO A 307 32.74 -0.65 -8.55
N PRO A 308 32.73 -1.98 -8.40
CA PRO A 308 32.27 -2.84 -9.47
C PRO A 308 31.06 -2.16 -10.13
N THR A 309 29.97 -2.18 -9.35
CA THR A 309 28.68 -1.84 -9.95
C THR A 309 28.38 -0.39 -9.63
N GLY A 310 29.45 0.42 -9.85
CA GLY A 310 29.42 1.80 -9.37
C GLY A 310 29.14 1.90 -7.83
N PRO A 311 29.14 3.09 -7.24
CA PRO A 311 28.36 3.39 -6.05
C PRO A 311 26.88 3.64 -6.45
N THR A 312 25.86 2.92 -5.98
CA THR A 312 24.55 3.16 -6.57
C THR A 312 23.50 3.31 -5.54
N TRP A 313 22.41 3.95 -5.95
CA TRP A 313 21.23 3.93 -5.12
C TRP A 313 20.64 2.56 -5.42
N ALA A 314 20.11 1.80 -4.50
CA ALA A 314 19.54 0.53 -4.85
C ALA A 314 18.06 0.68 -4.58
N LEU A 315 17.15 0.41 -5.50
CA LEU A 315 15.73 0.48 -5.24
C LEU A 315 15.27 -0.94 -4.93
N GLY A 316 15.02 -1.21 -3.67
CA GLY A 316 14.66 -2.52 -3.20
C GLY A 316 13.18 -2.71 -2.94
N ALA A 317 12.81 -3.64 -2.06
CA ALA A 317 11.43 -4.01 -1.86
C ALA A 317 10.53 -2.88 -1.41
N THR A 318 10.94 -1.72 -0.87
CA THR A 318 10.09 -0.57 -0.57
C THR A 318 9.53 0.09 -1.84
N PHE A 319 10.16 -0.02 -2.99
CA PHE A 319 9.66 0.58 -4.19
C PHE A 319 8.85 -0.49 -4.92
N ILE A 320 9.32 -1.73 -5.14
CA ILE A 320 8.61 -2.84 -5.81
C ILE A 320 7.25 -3.12 -5.16
N ARG A 321 7.15 -2.76 -3.90
CA ARG A 321 5.94 -2.94 -3.13
C ARG A 321 4.85 -2.04 -3.64
N LYS A 322 5.22 -0.92 -4.24
CA LYS A 322 4.22 -0.03 -4.82
C LYS A 322 4.21 -0.10 -6.34
N PHE A 323 5.28 -0.48 -7.01
CA PHE A 323 5.27 -0.50 -8.43
C PHE A 323 5.75 -1.81 -8.90
N TYR A 324 4.84 -2.39 -9.66
CA TYR A 324 4.98 -3.71 -10.21
C TYR A 324 6.19 -3.60 -11.13
N THR A 325 7.20 -4.49 -11.13
CA THR A 325 8.39 -4.30 -11.97
C THR A 325 8.59 -5.37 -13.02
N GLU A 326 8.73 -4.99 -14.28
CA GLU A 326 8.88 -5.99 -15.31
C GLU A 326 10.29 -5.81 -15.77
N PHE A 327 11.08 -6.84 -15.57
CA PHE A 327 12.44 -6.77 -16.01
C PHE A 327 12.43 -7.31 -17.42
N ASP A 328 12.59 -6.41 -18.39
CA ASP A 328 12.55 -6.78 -19.81
C ASP A 328 13.91 -6.92 -20.40
N ARG A 329 14.25 -8.20 -20.46
CA ARG A 329 15.56 -8.55 -20.91
C ARG A 329 15.53 -8.36 -22.40
N ARG A 330 14.45 -8.76 -23.04
CA ARG A 330 14.31 -8.65 -24.49
C ARG A 330 14.66 -7.30 -25.04
N ASN A 331 14.36 -6.15 -24.42
CA ASN A 331 14.72 -4.85 -24.99
C ASN A 331 15.72 -4.09 -24.15
N ASN A 332 16.29 -4.84 -23.21
CA ASN A 332 17.22 -4.33 -22.27
C ASN A 332 16.71 -3.07 -21.57
N ARG A 333 15.47 -3.16 -21.04
CA ARG A 333 14.90 -2.07 -20.27
C ARG A 333 13.96 -2.51 -19.18
N ILE A 334 13.79 -1.68 -18.16
CA ILE A 334 12.94 -1.98 -17.02
C ILE A 334 11.66 -1.16 -16.99
N GLY A 335 10.49 -1.77 -16.96
CA GLY A 335 9.28 -1.00 -16.83
C GLY A 335 8.63 -1.06 -15.46
N PHE A 336 8.13 0.06 -14.96
CA PHE A 336 7.37 0.15 -13.74
C PHE A 336 5.91 0.53 -13.99
N ALA A 337 4.98 -0.02 -13.23
CA ALA A 337 3.61 0.36 -13.34
C ALA A 337 3.11 0.31 -11.94
N LEU A 338 1.85 0.63 -11.68
CA LEU A 338 1.34 0.70 -10.33
C LEU A 338 0.96 -0.64 -9.84
N ALA A 339 1.10 -0.92 -8.57
CA ALA A 339 0.73 -2.25 -8.14
C ALA A 339 -0.63 -2.14 -7.51
N ARG A 340 -1.32 -3.29 -7.47
CA ARG A 340 -2.59 -3.44 -6.81
C ARG A 340 -2.67 -4.87 -6.25
N ASN B 5 -12.47 -1.67 -19.71
CA ASN B 5 -12.69 -2.59 -18.57
C ASN B 5 -11.71 -2.24 -17.52
N THR B 6 -12.28 -1.99 -16.37
CA THR B 6 -11.39 -1.50 -15.41
C THR B 6 -11.98 -1.85 -14.10
N THR B 7 -10.96 -1.92 -13.36
CA THR B 7 -11.07 -1.91 -11.95
C THR B 7 -9.86 -0.97 -11.80
N SER B 8 -10.10 0.12 -11.10
CA SER B 8 -9.00 0.95 -10.76
C SER B 8 -9.03 0.76 -9.26
N SER B 9 -7.93 0.44 -8.59
CA SER B 9 -7.97 0.19 -7.15
C SER B 9 -7.02 1.19 -6.58
N VAL B 10 -7.50 1.95 -5.60
CA VAL B 10 -6.76 2.95 -4.87
C VAL B 10 -6.51 2.36 -3.51
N ILE B 11 -5.28 2.21 -3.10
CA ILE B 11 -4.99 1.63 -1.80
C ILE B 11 -4.94 2.77 -0.82
N LEU B 12 -5.51 2.48 0.34
CA LEU B 12 -5.68 3.40 1.44
C LEU B 12 -4.73 3.18 2.65
N THR B 13 -4.70 4.25 3.43
CA THR B 13 -3.90 4.30 4.61
C THR B 13 -4.80 4.33 5.82
N ASN B 14 -4.68 3.50 6.84
CA ASN B 14 -5.61 3.49 7.94
C ASN B 14 -4.88 4.18 9.01
N TYR B 15 -5.17 5.41 9.29
CA TYR B 15 -4.51 6.16 10.34
C TYR B 15 -5.32 6.07 11.64
N MET B 16 -4.95 5.18 12.54
CA MET B 16 -5.52 5.07 13.88
C MET B 16 -7.00 4.74 13.90
N ASP B 17 -7.52 4.14 12.86
CA ASP B 17 -8.95 3.83 12.73
C ASP B 17 -9.87 5.04 12.87
N THR B 18 -9.34 6.24 12.86
CA THR B 18 -10.24 7.31 12.85
C THR B 18 -10.20 7.90 11.46
N GLN B 19 -9.24 7.65 10.53
CA GLN B 19 -9.36 8.23 9.18
C GLN B 19 -8.61 7.50 8.09
N TYR B 20 -9.18 7.22 6.92
CA TYR B 20 -8.51 6.44 5.89
C TYR B 20 -8.52 7.27 4.63
N TYR B 21 -7.34 7.60 4.18
CA TYR B 21 -7.17 8.42 3.02
C TYR B 21 -6.30 7.71 2.02
N GLY B 22 -6.48 7.83 0.74
CA GLY B 22 -5.62 7.19 -0.24
C GLY B 22 -5.02 8.27 -1.12
N GLU B 23 -4.59 8.17 -2.40
CA GLU B 23 -4.12 9.37 -3.12
C GLU B 23 -4.31 9.57 -4.59
N ILE B 24 -4.63 10.81 -4.90
CA ILE B 24 -4.82 11.20 -6.28
C ILE B 24 -3.62 12.05 -6.65
N GLY B 25 -3.40 12.19 -7.94
CA GLY B 25 -2.35 13.06 -8.44
C GLY B 25 -3.11 14.03 -9.33
N ILE B 26 -2.80 15.33 -9.23
CA ILE B 26 -3.55 16.30 -10.02
C ILE B 26 -2.55 17.02 -10.91
N GLY B 27 -2.83 17.38 -12.16
CA GLY B 27 -1.95 18.21 -12.93
C GLY B 27 -1.09 17.38 -13.85
N THR B 28 -0.27 18.07 -14.66
CA THR B 28 0.71 17.44 -15.54
C THR B 28 1.86 18.35 -15.37
N PRO B 29 2.94 17.84 -14.80
CA PRO B 29 3.01 16.53 -14.11
C PRO B 29 2.06 16.50 -12.90
N PRO B 30 1.61 15.33 -12.47
CA PRO B 30 0.74 15.19 -11.31
C PRO B 30 1.42 15.70 -10.05
N GLN B 31 0.67 16.24 -9.09
CA GLN B 31 1.12 16.73 -7.79
C GLN B 31 0.38 15.90 -6.71
N THR B 32 0.84 14.81 -6.00
CA THR B 32 -0.09 13.98 -5.21
C THR B 32 -0.42 14.44 -3.82
N PHE B 33 -1.69 14.38 -3.48
CA PHE B 33 -2.16 14.80 -2.19
C PHE B 33 -2.73 13.58 -1.51
N LYS B 34 -2.76 13.44 -0.20
CA LYS B 34 -3.41 12.29 0.39
C LYS B 34 -4.86 12.67 0.46
N VAL B 35 -5.90 12.02 -0.10
CA VAL B 35 -7.29 12.42 0.11
C VAL B 35 -8.20 11.35 0.71
N VAL B 36 -9.25 11.73 1.41
CA VAL B 36 -10.21 10.83 2.00
C VAL B 36 -11.22 10.52 0.93
N PHE B 37 -11.90 9.40 0.76
CA PHE B 37 -12.90 9.39 -0.31
C PHE B 37 -14.28 9.39 0.34
N ASP B 38 -15.04 10.45 0.13
CA ASP B 38 -16.28 10.74 0.83
C ASP B 38 -17.61 10.48 0.13
N THR B 39 -18.41 9.47 0.49
CA THR B 39 -19.72 9.31 -0.10
C THR B 39 -20.77 10.23 0.53
N GLY B 40 -20.41 11.12 1.45
CA GLY B 40 -21.37 12.01 2.09
C GLY B 40 -21.39 13.40 1.46
N SER B 41 -20.49 13.68 0.50
CA SER B 41 -20.43 14.95 -0.24
C SER B 41 -19.98 14.71 -1.67
N SER B 42 -20.10 15.73 -2.51
CA SER B 42 -19.75 15.55 -3.88
C SER B 42 -18.64 16.40 -4.49
N ASN B 43 -18.00 17.34 -3.78
CA ASN B 43 -17.00 18.19 -4.45
C ASN B 43 -15.62 17.68 -4.08
N VAL B 44 -14.72 17.67 -5.08
CA VAL B 44 -13.32 17.31 -4.89
C VAL B 44 -12.64 18.61 -4.48
N TRP B 45 -11.76 18.69 -3.49
CA TRP B 45 -10.99 19.90 -3.27
C TRP B 45 -9.54 19.66 -2.79
N VAL B 46 -8.54 20.51 -3.01
CA VAL B 46 -7.21 20.38 -2.39
C VAL B 46 -6.77 21.75 -1.91
N PRO B 47 -5.88 21.97 -0.95
CA PRO B 47 -5.38 23.28 -0.58
C PRO B 47 -4.70 23.98 -1.77
N SER B 48 -4.68 25.33 -1.81
CA SER B 48 -4.01 26.08 -2.88
C SER B 48 -2.66 26.67 -2.52
N SER B 49 -1.72 26.79 -3.47
CA SER B 49 -0.43 27.46 -3.27
C SER B 49 -0.87 28.91 -3.34
N LYS B 50 -1.46 29.35 -2.22
CA LYS B 50 -2.20 30.59 -2.14
C LYS B 50 -2.81 30.69 -0.74
N CYS B 51 -3.04 29.55 -0.12
CA CYS B 51 -3.75 29.49 1.15
C CYS B 51 -2.94 30.22 2.24
N SER B 52 -3.65 31.20 2.79
CA SER B 52 -3.16 32.08 3.85
C SER B 52 -2.28 31.41 4.98
N ARG B 53 -0.95 31.66 5.12
CA ARG B 53 0.03 31.15 6.15
C ARG B 53 -0.30 31.13 7.66
N LEU B 54 -1.45 31.72 7.84
CA LEU B 54 -2.09 32.02 9.10
C LEU B 54 -3.16 30.92 9.38
N TYR B 55 -3.54 30.15 8.33
CA TYR B 55 -4.27 28.89 8.49
C TYR B 55 -3.05 27.98 8.59
N THR B 56 -2.80 27.62 9.88
CA THR B 56 -1.79 26.61 10.24
C THR B 56 -2.15 25.36 9.38
N ALA B 57 -3.48 25.18 9.22
CA ALA B 57 -4.11 24.24 8.31
C ALA B 57 -3.65 24.28 6.85
N CYS B 58 -3.28 25.45 6.26
CA CYS B 58 -2.74 25.50 4.88
C CYS B 58 -1.29 25.04 5.02
N VAL B 59 -0.53 25.81 5.80
CA VAL B 59 0.91 25.61 6.08
C VAL B 59 1.46 24.16 6.19
N TYR B 60 0.64 23.52 7.03
CA TYR B 60 0.81 22.17 7.42
C TYR B 60 0.61 21.20 6.29
N HIS B 61 -0.49 21.33 5.52
CA HIS B 61 -0.81 20.37 4.47
C HIS B 61 0.04 20.23 3.18
N LYS B 62 -0.51 19.88 2.03
CA LYS B 62 0.28 19.91 0.82
C LYS B 62 -0.50 20.94 0.02
N LEU B 63 0.11 21.68 -0.92
CA LEU B 63 -0.65 22.75 -1.55
C LEU B 63 -0.44 22.68 -3.04
N PHE B 64 -1.53 22.91 -3.70
CA PHE B 64 -1.56 22.71 -5.10
C PHE B 64 -1.04 23.93 -5.71
N ASP B 65 -0.13 23.61 -6.60
CA ASP B 65 0.50 24.68 -7.34
C ASP B 65 -0.01 24.88 -8.75
N ALA B 66 -1.04 25.70 -8.84
CA ALA B 66 -1.73 25.90 -10.11
C ALA B 66 -0.92 26.31 -11.34
N SER B 67 0.29 26.74 -11.06
CA SER B 67 1.21 27.21 -12.07
C SER B 67 2.20 26.13 -12.43
N ASP B 68 2.13 24.87 -11.98
CA ASP B 68 3.10 23.90 -12.47
C ASP B 68 2.32 22.89 -13.28
N SER B 69 0.99 22.86 -13.16
CA SER B 69 0.31 21.96 -14.00
C SER B 69 0.19 22.71 -15.29
N SER B 70 0.95 22.23 -16.25
CA SER B 70 0.81 22.63 -17.62
C SER B 70 -0.71 22.56 -17.97
N SER B 71 -1.44 21.45 -17.69
CA SER B 71 -2.86 21.27 -18.04
C SER B 71 -3.96 22.07 -17.31
N TYR B 72 -3.52 22.80 -16.27
CA TYR B 72 -4.41 23.60 -15.44
C TYR B 72 -5.22 24.63 -16.22
N LYS B 73 -6.54 24.75 -16.06
CA LYS B 73 -7.27 25.84 -16.73
C LYS B 73 -8.04 26.44 -15.54
N HIS B 74 -7.69 27.64 -15.07
CA HIS B 74 -8.40 28.17 -13.88
C HIS B 74 -9.90 28.39 -14.19
N ASN B 75 -10.72 28.59 -13.18
CA ASN B 75 -12.05 29.11 -13.47
C ASN B 75 -12.21 30.16 -12.38
N GLY B 76 -13.10 30.31 -11.40
CA GLY B 76 -12.88 31.43 -10.48
C GLY B 76 -13.78 31.45 -9.27
N THR B 77 -15.00 31.01 -9.55
CA THR B 77 -16.04 30.82 -8.57
C THR B 77 -15.64 30.60 -7.13
N GLU B 78 -15.96 31.57 -6.26
CA GLU B 78 -15.67 31.37 -4.85
C GLU B 78 -16.61 30.27 -4.35
N LEU B 79 -16.04 29.08 -4.13
CA LEU B 79 -16.78 27.89 -3.71
C LEU B 79 -16.90 27.89 -2.16
N THR B 80 -18.05 27.54 -1.60
CA THR B 80 -18.09 27.48 -0.16
C THR B 80 -18.80 26.22 0.29
N LEU B 81 -17.89 25.40 0.77
CA LEU B 81 -18.21 24.05 1.18
C LEU B 81 -18.46 23.99 2.70
N ARG B 82 -19.75 23.96 3.11
CA ARG B 82 -20.10 23.86 4.54
C ARG B 82 -20.24 22.37 4.76
N TYR B 83 -19.31 21.79 5.54
CA TYR B 83 -19.31 20.36 5.85
C TYR B 83 -19.74 20.32 7.27
N SER B 84 -20.34 19.19 7.62
CA SER B 84 -20.85 18.97 8.96
C SER B 84 -19.77 19.08 10.04
N THR B 85 -18.51 19.31 9.74
CA THR B 85 -17.44 19.27 10.72
C THR B 85 -16.64 20.57 10.73
N GLY B 86 -16.80 21.29 9.60
CA GLY B 86 -16.24 22.61 9.38
C GLY B 86 -16.49 23.16 7.98
N THR B 87 -16.32 24.46 7.73
CA THR B 87 -16.58 24.98 6.39
C THR B 87 -15.39 25.54 5.66
N VAL B 88 -15.06 24.97 4.51
CA VAL B 88 -13.97 25.55 3.73
C VAL B 88 -14.53 26.31 2.52
N SER B 89 -13.71 27.29 2.15
CA SER B 89 -14.07 28.26 1.14
C SER B 89 -12.87 28.47 0.26
N GLY B 90 -12.99 28.33 -1.06
CA GLY B 90 -11.88 28.46 -1.97
C GLY B 90 -12.45 28.88 -3.31
N PHE B 91 -11.80 28.58 -4.43
CA PHE B 91 -12.30 29.01 -5.73
C PHE B 91 -12.14 27.90 -6.74
N LEU B 92 -13.06 27.78 -7.67
CA LEU B 92 -13.07 26.62 -8.57
C LEU B 92 -12.10 26.55 -9.76
N SER B 93 -11.41 25.44 -10.13
CA SER B 93 -10.52 25.39 -11.33
C SER B 93 -10.45 24.03 -12.05
N GLN B 94 -9.72 23.80 -13.13
CA GLN B 94 -9.73 22.53 -13.84
C GLN B 94 -8.38 21.88 -14.13
N ASP B 95 -8.26 20.60 -13.82
CA ASP B 95 -7.02 19.94 -14.16
C ASP B 95 -7.19 18.46 -14.38
N ILE B 96 -6.14 17.64 -14.51
CA ILE B 96 -6.30 16.23 -14.76
C ILE B 96 -6.03 15.50 -13.45
N ILE B 97 -7.01 14.81 -12.84
CA ILE B 97 -6.79 14.03 -11.63
C ILE B 97 -6.50 12.60 -12.04
N THR B 98 -5.52 11.89 -11.50
CA THR B 98 -5.32 10.50 -11.91
C THR B 98 -5.92 9.68 -10.75
N VAL B 99 -6.88 8.77 -10.97
CA VAL B 99 -7.35 8.01 -9.84
C VAL B 99 -6.92 6.63 -10.20
N GLY B 100 -6.05 6.09 -9.36
CA GLY B 100 -5.55 4.75 -9.56
C GLY B 100 -4.85 4.72 -10.89
N GLY B 101 -5.47 4.11 -11.88
CA GLY B 101 -4.94 4.15 -13.23
C GLY B 101 -5.61 5.26 -14.05
N ILE B 102 -6.95 5.34 -13.91
CA ILE B 102 -7.85 6.23 -14.62
C ILE B 102 -7.35 7.69 -14.56
N THR B 103 -7.75 8.55 -15.50
CA THR B 103 -7.34 9.94 -15.61
C THR B 103 -8.54 10.77 -15.98
N VAL B 104 -9.09 11.60 -15.13
CA VAL B 104 -10.27 12.34 -15.52
C VAL B 104 -9.88 13.81 -15.53
N THR B 105 -10.44 14.59 -16.43
CA THR B 105 -10.18 16.02 -16.41
C THR B 105 -11.34 16.45 -15.54
N GLN B 106 -11.09 17.06 -14.38
CA GLN B 106 -12.12 17.36 -13.40
C GLN B 106 -12.03 18.73 -12.74
N MET B 107 -13.16 19.44 -12.72
CA MET B 107 -13.20 20.72 -12.05
C MET B 107 -13.17 20.40 -10.58
N PHE B 108 -12.28 21.08 -9.86
CA PHE B 108 -12.14 20.91 -8.44
C PHE B 108 -12.08 22.26 -7.76
N GLY B 109 -12.13 22.22 -6.41
CA GLY B 109 -11.93 23.40 -5.59
C GLY B 109 -10.46 23.60 -5.20
N GLU B 110 -10.00 24.83 -5.12
CA GLU B 110 -8.70 25.09 -4.56
C GLU B 110 -9.12 25.77 -3.29
N VAL B 111 -8.86 25.12 -2.16
CA VAL B 111 -9.20 25.71 -0.91
C VAL B 111 -8.13 26.70 -0.57
N THR B 112 -8.72 27.80 -0.17
CA THR B 112 -8.06 29.04 0.11
C THR B 112 -8.20 29.36 1.58
N GLU B 113 -9.43 29.51 2.07
CA GLU B 113 -9.75 29.70 3.48
C GLU B 113 -9.97 28.29 4.11
N MET B 114 -9.17 27.85 5.12
CA MET B 114 -9.35 26.51 5.71
C MET B 114 -9.32 26.40 7.26
N PRO B 115 -10.48 26.30 7.93
CA PRO B 115 -10.58 26.58 9.35
C PRO B 115 -10.05 25.40 10.11
N ALA B 116 -8.78 25.71 10.43
CA ALA B 116 -7.88 24.95 11.27
C ALA B 116 -8.53 23.83 12.07
N LEU B 117 -9.26 24.08 13.16
CA LEU B 117 -9.99 22.97 13.78
C LEU B 117 -11.20 22.84 12.85
N PRO B 118 -11.31 21.77 12.04
CA PRO B 118 -10.63 20.48 12.19
C PRO B 118 -9.64 20.10 11.11
N PHE B 119 -9.49 20.84 10.03
CA PHE B 119 -8.68 20.34 8.94
C PHE B 119 -7.21 20.28 9.33
N MET B 120 -6.80 20.73 10.50
CA MET B 120 -5.43 20.53 10.93
C MET B 120 -5.28 19.25 11.76
N LEU B 121 -6.44 18.69 12.13
CA LEU B 121 -6.54 17.35 12.70
C LEU B 121 -6.62 16.42 11.48
N ALA B 122 -7.02 16.90 10.31
CA ALA B 122 -7.00 16.05 9.16
C ALA B 122 -5.57 15.58 8.85
N GLU B 123 -5.24 14.32 9.04
CA GLU B 123 -3.96 13.75 8.67
C GLU B 123 -3.86 13.66 7.14
N PHE B 124 -4.87 14.09 6.39
CA PHE B 124 -4.95 14.09 4.91
C PHE B 124 -4.96 15.52 4.35
N ASP B 125 -5.07 15.70 3.00
CA ASP B 125 -5.14 17.06 2.43
C ASP B 125 -6.44 17.52 1.82
N GLY B 126 -7.26 16.64 1.24
CA GLY B 126 -8.47 17.08 0.58
C GLY B 126 -9.55 16.02 0.55
N VAL B 127 -10.67 16.23 -0.10
CA VAL B 127 -11.60 15.14 -0.16
C VAL B 127 -12.00 15.00 -1.61
N VAL B 128 -12.22 13.78 -2.03
CA VAL B 128 -12.79 13.49 -3.34
C VAL B 128 -14.21 13.16 -2.93
N GLY B 129 -15.30 13.56 -3.56
CA GLY B 129 -16.62 13.20 -3.08
C GLY B 129 -17.10 12.09 -3.99
N MET B 130 -17.49 10.98 -3.44
CA MET B 130 -18.08 10.00 -4.29
C MET B 130 -19.57 10.27 -4.27
N GLY B 131 -20.06 11.32 -3.59
CA GLY B 131 -21.49 11.64 -3.50
C GLY B 131 -22.26 11.88 -4.81
N PHE B 132 -23.43 12.55 -4.77
CA PHE B 132 -24.19 12.66 -5.99
C PHE B 132 -24.04 13.98 -6.69
N ILE B 133 -24.40 14.13 -7.99
CA ILE B 133 -24.35 15.50 -8.57
C ILE B 133 -25.26 16.47 -7.80
N GLU B 134 -26.39 15.93 -7.38
CA GLU B 134 -27.32 16.62 -6.54
C GLU B 134 -26.72 17.08 -5.24
N GLN B 135 -25.59 16.62 -4.74
CA GLN B 135 -25.11 17.18 -3.50
C GLN B 135 -24.04 18.19 -3.84
N ALA B 136 -23.55 18.18 -5.06
CA ALA B 136 -22.38 18.93 -5.35
C ALA B 136 -22.60 20.40 -5.33
N ILE B 137 -22.19 21.07 -4.27
CA ILE B 137 -22.22 22.55 -4.17
C ILE B 137 -21.68 23.16 -5.45
N GLY B 138 -22.64 23.80 -6.11
CA GLY B 138 -22.38 24.43 -7.39
C GLY B 138 -22.40 23.51 -8.62
N ARG B 139 -23.17 22.42 -8.59
CA ARG B 139 -23.38 21.58 -9.74
C ARG B 139 -22.11 21.24 -10.48
N VAL B 140 -20.98 21.16 -9.82
CA VAL B 140 -19.76 20.81 -10.51
C VAL B 140 -19.99 19.32 -10.63
N THR B 141 -19.73 18.72 -11.77
CA THR B 141 -20.02 17.31 -11.97
C THR B 141 -18.99 16.36 -11.33
N PRO B 142 -19.33 15.57 -10.28
CA PRO B 142 -18.40 14.74 -9.52
C PRO B 142 -17.60 13.70 -10.29
N ILE B 143 -16.41 13.36 -9.79
CA ILE B 143 -15.46 12.43 -10.37
C ILE B 143 -16.12 11.11 -10.72
N PHE B 144 -16.93 10.47 -9.89
CA PHE B 144 -17.47 9.23 -10.35
C PHE B 144 -18.41 9.50 -11.50
N ASP B 145 -19.40 10.43 -11.51
CA ASP B 145 -20.29 10.64 -12.65
C ASP B 145 -19.46 10.95 -13.87
N ASN B 146 -18.26 11.44 -13.67
CA ASN B 146 -17.42 11.84 -14.76
C ASN B 146 -16.50 10.80 -15.35
N ILE B 147 -16.03 9.89 -14.48
CA ILE B 147 -15.18 8.76 -14.88
C ILE B 147 -16.10 7.83 -15.66
N ILE B 148 -17.31 7.68 -15.13
CA ILE B 148 -18.45 6.99 -15.76
C ILE B 148 -18.63 7.53 -17.15
N SER B 149 -18.81 8.86 -17.32
CA SER B 149 -18.89 9.52 -18.61
C SER B 149 -17.91 8.82 -19.49
N GLN B 150 -16.59 8.87 -19.33
CA GLN B 150 -15.74 8.30 -20.36
C GLN B 150 -15.92 6.82 -20.63
N GLY B 151 -16.56 6.07 -19.75
CA GLY B 151 -16.88 4.67 -20.02
C GLY B 151 -15.66 3.77 -20.16
N VAL B 152 -15.02 3.55 -19.02
CA VAL B 152 -13.78 2.81 -19.06
C VAL B 152 -13.88 1.68 -18.05
N LEU B 153 -14.39 2.03 -16.85
CA LEU B 153 -14.49 0.98 -15.85
C LEU B 153 -15.65 0.04 -16.14
N LYS B 154 -15.67 -1.17 -15.59
CA LYS B 154 -16.63 -2.13 -16.03
C LYS B 154 -17.99 -2.34 -15.46
N GLU B 155 -18.36 -1.56 -14.45
CA GLU B 155 -19.66 -1.58 -13.80
C GLU B 155 -19.72 -0.27 -13.01
N ASP B 156 -20.74 0.59 -12.99
CA ASP B 156 -20.64 1.69 -12.08
C ASP B 156 -21.30 1.37 -10.77
N VAL B 157 -20.33 0.81 -10.08
CA VAL B 157 -20.40 0.42 -8.71
C VAL B 157 -19.05 0.87 -8.24
N PHE B 158 -18.78 1.24 -7.01
CA PHE B 158 -17.40 1.32 -6.54
C PHE B 158 -17.44 0.78 -5.12
N SER B 159 -16.41 0.21 -4.50
CA SER B 159 -16.59 -0.34 -3.17
C SER B 159 -15.49 0.05 -2.21
N PHE B 160 -15.74 -0.11 -0.95
CA PHE B 160 -14.81 0.29 0.03
C PHE B 160 -14.42 -0.82 0.92
N TYR B 161 -13.16 -1.01 1.16
CA TYR B 161 -12.76 -2.00 2.12
C TYR B 161 -12.06 -1.17 3.17
N TYR B 162 -12.43 -1.28 4.44
CA TYR B 162 -11.64 -0.61 5.46
C TYR B 162 -11.16 -1.70 6.43
N ASN B 163 -9.85 -1.70 6.61
CA ASN B 163 -9.13 -2.66 7.39
C ASN B 163 -8.98 -2.28 8.86
N ARG B 164 -8.58 -3.21 9.71
CA ARG B 164 -8.42 -2.90 11.12
C ARG B 164 -7.00 -2.52 11.28
N ASP B 165 -6.78 -1.76 12.33
CA ASP B 165 -5.40 -1.34 12.54
C ASP B 165 -4.64 -2.52 13.13
N SER B 166 -5.27 -3.21 13.97
N SER B 171 0.51 -4.22 7.07
CA SER B 171 -0.95 -4.44 7.15
C SER B 171 -1.55 -3.88 5.82
N LEU B 172 -2.60 -4.25 5.08
CA LEU B 172 -2.99 -3.50 3.89
C LEU B 172 -3.61 -2.16 4.22
N GLY B 173 -4.47 -1.85 5.18
CA GLY B 173 -4.89 -0.46 5.28
C GLY B 173 -6.28 -0.30 4.76
N GLY B 174 -6.55 -0.55 3.49
CA GLY B 174 -7.93 -0.57 3.01
C GLY B 174 -7.99 -0.21 1.55
N GLN B 175 -8.93 -0.53 0.64
CA GLN B 175 -8.88 -0.05 -0.76
C GLN B 175 -10.20 0.34 -1.38
N ILE B 176 -10.22 1.24 -2.36
CA ILE B 176 -11.43 1.63 -3.08
C ILE B 176 -11.34 0.93 -4.39
N VAL B 177 -12.39 0.30 -4.89
CA VAL B 177 -12.22 -0.30 -6.20
C VAL B 177 -13.23 0.37 -7.10
N LEU B 178 -12.84 1.22 -8.04
CA LEU B 178 -13.83 1.87 -8.89
C LEU B 178 -14.07 0.88 -10.02
N GLY B 179 -15.30 0.39 -10.28
CA GLY B 179 -15.53 -0.53 -11.37
C GLY B 179 -16.11 -1.83 -10.90
N GLY B 180 -15.97 -2.17 -9.62
CA GLY B 180 -16.49 -3.43 -9.07
C GLY B 180 -16.10 -3.73 -7.62
N SER B 181 -16.08 -4.98 -7.18
CA SER B 181 -15.68 -5.33 -5.84
C SER B 181 -14.44 -6.15 -5.97
N ASP B 182 -13.61 -6.19 -4.94
CA ASP B 182 -12.32 -6.86 -4.93
C ASP B 182 -12.51 -7.94 -3.92
N PRO B 183 -12.63 -9.09 -4.51
CA PRO B 183 -13.42 -10.16 -3.95
C PRO B 183 -12.66 -10.84 -2.89
N GLN B 184 -11.34 -10.73 -2.92
CA GLN B 184 -10.52 -11.26 -1.86
C GLN B 184 -10.93 -10.66 -0.49
N HIS B 185 -11.70 -9.54 -0.35
CA HIS B 185 -11.94 -8.97 0.97
C HIS B 185 -13.31 -9.01 1.61
N TYR B 186 -14.14 -9.91 1.13
CA TYR B 186 -15.46 -10.11 1.66
C TYR B 186 -15.85 -11.55 1.42
N GLU B 187 -16.80 -11.99 2.20
CA GLU B 187 -17.19 -13.36 2.05
C GLU B 187 -18.68 -13.55 2.23
N GLY B 188 -19.10 -14.29 1.19
CA GLY B 188 -20.50 -14.59 0.97
C GLY B 188 -20.93 -13.70 -0.17
N ASN B 189 -22.19 -13.48 -0.43
CA ASN B 189 -22.51 -12.57 -1.48
C ASN B 189 -23.25 -11.45 -0.84
N PHE B 190 -23.11 -10.31 -1.50
CA PHE B 190 -23.85 -9.12 -1.16
C PHE B 190 -25.33 -9.31 -0.92
N HIS B 191 -25.95 -8.44 -0.15
CA HIS B 191 -27.39 -8.35 -0.14
C HIS B 191 -27.60 -6.85 -0.05
N TYR B 192 -28.29 -6.28 -1.05
CA TYR B 192 -28.46 -4.84 -1.22
C TYR B 192 -29.59 -4.15 -0.50
N ILE B 193 -29.38 -2.90 -0.15
CA ILE B 193 -30.39 -2.08 0.50
C ILE B 193 -30.65 -0.92 -0.44
N ASN B 194 -31.78 -0.22 -0.46
CA ASN B 194 -32.07 0.75 -1.51
C ASN B 194 -32.23 2.12 -0.95
N LEU B 195 -31.70 2.99 -1.78
CA LEU B 195 -31.65 4.37 -1.51
C LEU B 195 -33.06 4.90 -1.32
N ILE B 196 -33.21 5.86 -0.44
CA ILE B 196 -34.55 6.37 -0.20
C ILE B 196 -35.00 7.26 -1.35
N LYS B 197 -34.03 7.91 -1.99
CA LYS B 197 -34.33 8.99 -2.92
C LYS B 197 -32.99 9.18 -3.51
N THR B 198 -32.92 9.44 -4.77
CA THR B 198 -31.62 9.52 -5.37
C THR B 198 -31.16 10.94 -5.02
N GLY B 199 -29.88 11.00 -4.68
CA GLY B 199 -29.31 12.25 -4.25
C GLY B 199 -28.44 12.05 -3.01
N VAL B 200 -28.70 11.00 -2.22
CA VAL B 200 -27.90 10.75 -1.02
C VAL B 200 -27.69 9.26 -0.84
N TRP B 201 -26.54 8.80 -0.33
CA TRP B 201 -26.33 7.40 -0.02
C TRP B 201 -26.88 7.13 1.36
N GLN B 202 -28.20 7.28 1.43
CA GLN B 202 -28.93 7.12 2.65
C GLN B 202 -29.98 6.06 2.38
N ILE B 203 -30.17 5.30 3.43
CA ILE B 203 -30.99 4.12 3.41
C ILE B 203 -31.77 4.08 4.72
N GLN B 204 -32.65 3.13 4.90
CA GLN B 204 -33.51 3.15 6.03
C GLN B 204 -33.26 2.04 7.02
N MET B 205 -33.02 2.45 8.25
CA MET B 205 -32.88 1.51 9.33
C MET B 205 -34.25 1.39 10.00
N LYS B 206 -34.75 0.18 10.06
CA LYS B 206 -35.96 -0.05 10.77
C LYS B 206 -35.62 -0.50 12.18
N GLY B 207 -34.62 0.09 12.83
CA GLY B 207 -34.29 -0.30 14.20
C GLY B 207 -32.80 -0.39 14.53
N VAL B 208 -32.49 -0.23 15.82
CA VAL B 208 -31.16 -0.41 16.34
C VAL B 208 -31.47 -1.17 17.63
N SER B 209 -30.91 -2.36 17.72
CA SER B 209 -31.18 -3.22 18.84
C SER B 209 -29.92 -3.27 19.62
N VAL B 210 -30.10 -3.75 20.83
CA VAL B 210 -29.00 -3.88 21.73
C VAL B 210 -29.19 -5.25 22.37
N GLY B 211 -28.26 -6.07 21.91
CA GLY B 211 -28.15 -7.47 22.29
C GLY B 211 -29.36 -8.21 21.74
N SER B 212 -30.34 -8.09 22.61
CA SER B 212 -31.59 -8.67 22.30
C SER B 212 -32.41 -7.43 21.94
N SER B 213 -33.20 -6.94 22.86
CA SER B 213 -34.18 -5.87 22.72
C SER B 213 -33.93 -4.68 21.77
N THR B 214 -34.64 -4.53 20.64
CA THR B 214 -34.61 -3.28 19.83
C THR B 214 -34.69 -2.06 20.72
N LEU B 215 -33.68 -1.21 20.80
CA LEU B 215 -33.87 -0.09 21.70
C LEU B 215 -34.49 1.01 20.92
N LEU B 216 -33.82 1.71 20.03
CA LEU B 216 -34.58 2.74 19.39
C LEU B 216 -34.74 2.43 17.90
N CYS B 217 -35.37 3.43 17.29
CA CYS B 217 -35.50 3.56 15.90
C CYS B 217 -36.36 2.47 15.32
N GLU B 218 -37.14 1.71 16.13
CA GLU B 218 -38.23 0.97 15.46
C GLU B 218 -39.18 2.11 15.03
N ASP B 219 -39.85 1.88 13.89
CA ASP B 219 -40.64 2.89 13.13
C ASP B 219 -39.46 3.78 12.72
N GLY B 220 -38.81 3.14 11.73
CA GLY B 220 -37.42 3.38 11.33
C GLY B 220 -36.78 4.79 11.13
N CYS B 221 -35.48 4.92 11.27
CA CYS B 221 -34.94 6.23 11.06
C CYS B 221 -33.91 6.15 9.95
N LEU B 222 -33.22 7.24 9.56
CA LEU B 222 -32.38 7.28 8.35
C LEU B 222 -30.94 6.94 8.51
N ALA B 223 -30.31 6.40 7.50
CA ALA B 223 -28.96 5.99 7.66
C ALA B 223 -28.13 6.55 6.53
N LEU B 224 -27.19 7.46 6.80
CA LEU B 224 -26.32 7.98 5.77
C LEU B 224 -25.20 6.95 5.73
N VAL B 225 -24.63 6.43 4.64
CA VAL B 225 -23.51 5.51 4.77
C VAL B 225 -22.30 6.34 4.44
N ASP B 226 -21.58 6.87 5.42
CA ASP B 226 -20.60 7.85 5.06
C ASP B 226 -19.18 7.36 5.13
N THR B 227 -18.48 7.09 4.02
CA THR B 227 -17.13 6.58 4.11
C THR B 227 -16.16 7.62 4.66
N GLY B 228 -16.53 8.87 4.54
CA GLY B 228 -15.74 9.90 5.15
C GLY B 228 -16.28 10.17 6.54
N ALA B 229 -16.41 9.16 7.43
CA ALA B 229 -16.85 9.32 8.82
C ALA B 229 -16.13 8.30 9.68
N SER B 230 -15.61 8.61 10.85
CA SER B 230 -14.80 7.65 11.59
C SER B 230 -15.55 6.57 12.34
N TYR B 231 -16.80 6.92 12.73
CA TYR B 231 -17.62 6.18 13.69
C TYR B 231 -19.02 5.91 13.13
N ILE B 232 -19.90 5.36 14.00
CA ILE B 232 -21.35 5.21 13.80
C ILE B 232 -21.79 6.47 14.50
N SER B 233 -22.73 7.21 13.94
CA SER B 233 -23.18 8.34 14.67
C SER B 233 -24.67 8.39 14.75
N GLY B 234 -25.16 8.91 15.84
CA GLY B 234 -26.55 9.14 16.03
C GLY B 234 -26.69 10.57 16.55
N SER B 235 -27.95 10.90 16.80
CA SER B 235 -28.39 12.17 17.32
C SER B 235 -28.01 12.10 18.76
N THR B 236 -27.80 13.25 19.38
CA THR B 236 -27.23 13.29 20.71
C THR B 236 -28.00 12.42 21.69
N SER B 237 -29.30 12.57 21.61
CA SER B 237 -30.16 11.80 22.45
C SER B 237 -30.27 10.36 21.98
N SER B 238 -30.07 9.90 20.73
CA SER B 238 -30.15 8.46 20.47
C SER B 238 -28.99 7.87 21.21
N ILE B 239 -27.84 8.48 20.89
CA ILE B 239 -26.58 8.05 21.42
C ILE B 239 -26.68 8.11 22.90
N GLU B 240 -27.43 9.03 23.45
CA GLU B 240 -27.58 8.98 24.87
C GLU B 240 -28.19 7.67 25.36
N LYS B 241 -29.35 7.31 24.80
CA LYS B 241 -30.07 6.15 25.24
C LYS B 241 -29.25 4.91 24.96
N LEU B 242 -28.49 4.89 23.88
CA LEU B 242 -27.63 3.75 23.59
C LEU B 242 -26.52 3.61 24.62
N MET B 243 -25.85 4.69 24.95
CA MET B 243 -24.82 4.56 25.92
C MET B 243 -25.36 4.11 27.27
N GLU B 244 -26.54 4.68 27.48
CA GLU B 244 -27.27 4.47 28.71
C GLU B 244 -27.50 2.97 28.82
N ALA B 245 -27.77 2.28 27.72
CA ALA B 245 -27.97 0.84 27.78
C ALA B 245 -26.69 0.07 27.74
N LEU B 246 -25.57 0.51 27.12
CA LEU B 246 -24.36 -0.33 27.10
C LEU B 246 -23.74 -0.37 28.50
N GLY B 247 -24.14 0.60 29.34
CA GLY B 247 -23.55 0.79 30.63
C GLY B 247 -22.46 1.83 30.49
N ALA B 248 -22.02 2.09 29.24
CA ALA B 248 -20.87 2.92 28.95
C ALA B 248 -21.13 4.26 29.57
N LYS B 249 -20.14 5.01 30.03
CA LYS B 249 -20.43 6.28 30.62
C LYS B 249 -19.58 7.31 29.96
N LYS B 250 -20.04 8.56 29.95
CA LYS B 250 -19.25 9.67 29.41
C LYS B 250 -18.09 10.01 30.35
N ARG B 251 -16.94 10.34 29.81
CA ARG B 251 -15.81 10.66 30.65
C ARG B 251 -15.93 12.14 30.56
N LEU B 252 -15.12 12.79 29.73
CA LEU B 252 -15.20 14.24 29.64
C LEU B 252 -15.81 14.29 28.25
N PHE B 253 -14.99 14.54 27.24
CA PHE B 253 -15.44 14.46 25.88
C PHE B 253 -15.54 12.90 25.75
N ASP B 254 -16.53 12.39 25.00
CA ASP B 254 -16.72 10.94 24.74
C ASP B 254 -17.17 10.09 25.90
N TYR B 255 -17.51 8.86 25.48
CA TYR B 255 -17.98 7.84 26.36
C TYR B 255 -16.91 6.78 26.37
N VAL B 256 -16.79 6.14 27.50
CA VAL B 256 -15.86 5.07 27.70
C VAL B 256 -16.61 3.94 28.45
N VAL B 257 -15.93 2.84 28.64
CA VAL B 257 -16.40 1.73 29.44
C VAL B 257 -15.07 1.30 30.08
N LYS B 258 -14.89 0.38 31.03
CA LYS B 258 -13.53 0.13 31.46
C LYS B 258 -13.01 -1.15 30.85
N CYS B 259 -11.81 -1.07 30.30
CA CYS B 259 -11.23 -2.09 29.46
C CYS B 259 -11.51 -3.52 29.82
N ASN B 260 -11.27 -3.99 31.04
CA ASN B 260 -11.57 -5.38 31.33
C ASN B 260 -12.99 -5.83 31.19
N GLU B 261 -13.89 -4.92 30.96
CA GLU B 261 -15.26 -5.29 30.90
C GLU B 261 -15.80 -5.16 29.52
N GLY B 262 -14.95 -4.80 28.59
CA GLY B 262 -15.36 -4.64 27.21
C GLY B 262 -15.88 -5.92 26.60
N PRO B 263 -15.30 -7.09 26.84
CA PRO B 263 -15.90 -8.38 26.58
C PRO B 263 -17.35 -8.61 27.01
N THR B 264 -17.76 -7.97 28.08
CA THR B 264 -19.12 -8.11 28.57
C THR B 264 -20.26 -7.51 27.73
N LEU B 265 -20.07 -6.34 27.10
CA LEU B 265 -21.06 -5.55 26.42
C LEU B 265 -21.86 -6.17 25.26
N PRO B 266 -23.16 -5.84 25.11
CA PRO B 266 -24.14 -6.42 24.16
C PRO B 266 -23.78 -6.11 22.75
N ASP B 267 -24.56 -6.65 21.85
CA ASP B 267 -24.26 -6.34 20.50
C ASP B 267 -25.17 -5.23 20.10
N ILE B 268 -24.78 -4.50 19.08
CA ILE B 268 -25.72 -3.58 18.55
C ILE B 268 -26.01 -4.32 17.24
N SER B 269 -27.21 -4.12 16.73
CA SER B 269 -27.58 -4.74 15.51
C SER B 269 -28.39 -3.69 14.80
N PHE B 270 -27.93 -3.40 13.59
CA PHE B 270 -28.49 -2.40 12.70
C PHE B 270 -29.24 -3.16 11.65
N HIS B 271 -30.57 -3.14 11.80
CA HIS B 271 -31.51 -3.79 10.90
C HIS B 271 -31.64 -3.00 9.60
N LEU B 272 -30.86 -3.35 8.62
CA LEU B 272 -30.99 -2.66 7.37
C LEU B 272 -31.73 -3.64 6.48
N GLY B 273 -32.77 -3.07 5.89
CA GLY B 273 -33.61 -3.77 4.93
C GLY B 273 -33.59 -5.31 4.84
N GLY B 274 -34.39 -5.90 5.72
CA GLY B 274 -34.51 -7.35 5.78
C GLY B 274 -33.45 -7.97 6.67
N LYS B 275 -32.19 -7.77 6.32
CA LYS B 275 -31.11 -8.36 7.09
C LYS B 275 -30.81 -7.68 8.42
N GLU B 276 -29.81 -8.19 9.13
CA GLU B 276 -29.32 -7.55 10.32
C GLU B 276 -27.83 -7.65 10.35
N TYR B 277 -27.30 -6.44 10.38
CA TYR B 277 -25.89 -6.18 10.34
C TYR B 277 -25.57 -6.05 11.81
N THR B 278 -24.87 -6.99 12.41
CA THR B 278 -24.59 -6.97 13.83
C THR B 278 -23.19 -6.52 14.15
N LEU B 279 -22.93 -5.82 15.24
CA LEU B 279 -21.57 -5.46 15.63
C LEU B 279 -21.32 -5.92 17.07
N THR B 280 -20.25 -6.63 17.35
CA THR B 280 -19.94 -7.01 18.70
C THR B 280 -19.06 -6.01 19.41
N SER B 281 -18.85 -6.13 20.71
CA SER B 281 -18.03 -5.23 21.50
C SER B 281 -16.73 -4.95 20.83
N ALA B 282 -16.22 -6.08 20.41
CA ALA B 282 -15.02 -6.15 19.62
C ALA B 282 -15.00 -5.22 18.47
N ASP B 283 -16.07 -5.08 17.73
CA ASP B 283 -16.06 -4.20 16.60
C ASP B 283 -16.28 -2.75 17.00
N TYR B 284 -16.82 -2.48 18.18
CA TYR B 284 -17.02 -1.10 18.53
C TYR B 284 -16.38 -0.57 19.78
N VAL B 285 -15.63 -1.34 20.52
CA VAL B 285 -14.95 -0.77 21.66
C VAL B 285 -13.51 -0.70 21.25
N PHE B 286 -12.82 0.38 21.52
CA PHE B 286 -11.42 0.54 21.17
C PHE B 286 -10.52 -0.13 22.22
N GLN B 287 -10.28 -1.42 21.96
CA GLN B 287 -9.71 -2.20 23.04
C GLN B 287 -8.20 -2.22 23.23
N GLU B 288 -7.62 -1.15 23.77
CA GLU B 288 -6.19 -1.18 24.15
C GLU B 288 -6.12 -1.73 25.59
N SER B 289 -6.23 -3.07 25.65
CA SER B 289 -6.19 -4.00 26.80
C SER B 289 -7.52 -4.42 27.35
N TYR B 290 -7.43 -5.40 28.23
CA TYR B 290 -8.58 -5.79 28.98
C TYR B 290 -8.19 -5.28 30.38
N SER B 291 -7.40 -4.24 30.63
CA SER B 291 -7.03 -3.94 32.00
C SER B 291 -8.17 -3.41 32.80
N SER B 292 -8.32 -4.12 33.91
CA SER B 292 -9.25 -3.80 34.99
C SER B 292 -9.14 -2.36 35.45
N LYS B 293 -7.87 -1.91 35.47
CA LYS B 293 -7.47 -0.60 35.92
C LYS B 293 -7.65 0.48 34.85
N LYS B 294 -8.22 0.26 33.65
CA LYS B 294 -8.26 1.33 32.64
C LYS B 294 -9.57 1.61 31.91
N LEU B 295 -9.77 2.82 31.38
CA LEU B 295 -10.90 3.12 30.56
C LEU B 295 -10.66 2.90 29.05
N CYS B 296 -11.61 2.38 28.31
CA CYS B 296 -11.54 2.08 26.89
C CYS B 296 -12.72 2.73 26.19
N THR B 297 -12.40 3.55 25.18
CA THR B 297 -13.33 4.35 24.40
C THR B 297 -14.26 3.61 23.45
N LEU B 298 -15.46 4.12 23.16
CA LEU B 298 -16.27 3.47 22.18
C LEU B 298 -16.06 4.24 20.91
N ALA B 299 -16.36 3.49 19.85
CA ALA B 299 -16.26 3.95 18.48
C ALA B 299 -17.61 4.33 17.85
N ILE B 300 -18.59 4.67 18.71
CA ILE B 300 -19.93 5.12 18.35
C ILE B 300 -20.01 6.54 18.93
N HIS B 301 -20.49 7.50 18.17
CA HIS B 301 -20.39 8.89 18.58
C HIS B 301 -21.60 9.62 18.21
N ALA B 302 -21.93 10.65 18.96
CA ALA B 302 -23.08 11.46 18.62
C ALA B 302 -22.68 12.51 17.61
N MET B 303 -23.46 12.98 16.63
CA MET B 303 -23.06 14.06 15.69
C MET B 303 -24.36 14.52 14.99
N ASP B 304 -24.68 15.80 15.16
CA ASP B 304 -25.94 16.29 14.64
C ASP B 304 -25.72 16.70 13.20
N ILE B 305 -26.26 15.93 12.28
CA ILE B 305 -26.17 16.32 10.88
C ILE B 305 -27.43 17.16 10.59
N PRO B 306 -27.33 18.26 9.83
CA PRO B 306 -28.34 19.32 9.73
C PRO B 306 -29.15 19.14 8.46
N PRO B 307 -30.36 19.68 8.39
CA PRO B 307 -31.44 19.08 7.67
C PRO B 307 -31.66 19.67 6.30
N PRO B 308 -30.71 19.63 5.43
CA PRO B 308 -31.03 18.96 4.19
C PRO B 308 -30.99 17.47 4.53
N THR B 309 -29.73 17.01 4.69
CA THR B 309 -29.32 15.63 4.88
C THR B 309 -29.63 15.08 6.25
N GLY B 310 -29.34 15.97 7.17
CA GLY B 310 -29.65 15.64 8.51
C GLY B 310 -31.15 15.68 8.68
N PRO B 311 -31.61 15.21 9.87
CA PRO B 311 -30.80 14.64 10.96
C PRO B 311 -30.83 13.13 10.88
N THR B 312 -29.65 12.51 10.95
CA THR B 312 -29.55 11.12 10.57
C THR B 312 -28.49 10.39 11.34
N TRP B 313 -28.62 9.10 11.28
CA TRP B 313 -27.63 8.23 11.85
C TRP B 313 -26.69 8.10 10.69
N ALA B 314 -25.39 7.99 10.92
CA ALA B 314 -24.49 7.77 9.81
C ALA B 314 -23.48 6.66 10.14
N LEU B 315 -23.29 5.78 9.16
CA LEU B 315 -22.47 4.61 9.25
C LEU B 315 -21.20 4.83 8.46
N GLY B 316 -20.21 5.08 9.31
CA GLY B 316 -18.87 5.32 8.89
C GLY B 316 -17.96 4.16 9.24
N ALA B 317 -16.64 4.39 9.19
CA ALA B 317 -15.59 3.42 9.39
C ALA B 317 -15.97 2.26 10.29
N THR B 318 -16.40 2.43 11.55
CA THR B 318 -16.82 1.36 12.46
C THR B 318 -17.66 0.26 11.80
N PHE B 319 -18.61 0.64 10.96
CA PHE B 319 -19.46 -0.29 10.25
C PHE B 319 -18.69 -0.92 9.13
N ILE B 320 -18.04 -0.07 8.35
CA ILE B 320 -17.35 -0.53 7.14
C ILE B 320 -16.12 -1.46 7.37
N ARG B 321 -15.58 -1.43 8.62
CA ARG B 321 -14.43 -2.28 8.92
C ARG B 321 -14.95 -3.71 8.94
N LYS B 322 -16.24 -3.85 9.30
CA LYS B 322 -16.89 -5.14 9.50
C LYS B 322 -17.58 -5.61 8.26
N PHE B 323 -18.25 -4.70 7.57
CA PHE B 323 -18.92 -5.02 6.33
C PHE B 323 -18.30 -4.37 5.09
N TYR B 324 -17.82 -5.06 4.09
CA TYR B 324 -17.27 -4.44 2.89
C TYR B 324 -18.35 -3.59 2.24
N THR B 325 -18.43 -2.30 1.93
CA THR B 325 -19.59 -1.71 1.28
C THR B 325 -19.45 -1.46 -0.20
N GLU B 326 -20.48 -1.65 -0.97
CA GLU B 326 -20.37 -1.42 -2.39
C GLU B 326 -21.44 -0.43 -2.81
N PHE B 327 -21.10 0.56 -3.62
CA PHE B 327 -22.02 1.59 -3.96
C PHE B 327 -22.36 1.48 -5.41
N ASP B 328 -23.53 0.93 -5.48
CA ASP B 328 -24.16 0.62 -6.73
C ASP B 328 -24.94 1.78 -7.24
N ARG B 329 -24.11 2.48 -7.94
CA ARG B 329 -24.56 3.68 -8.55
C ARG B 329 -25.65 3.39 -9.53
N ARG B 330 -25.49 2.42 -10.42
CA ARG B 330 -26.55 2.21 -11.39
C ARG B 330 -27.86 1.69 -10.87
N ASN B 331 -28.03 1.24 -9.65
CA ASN B 331 -29.34 0.78 -9.19
C ASN B 331 -29.75 1.55 -7.94
N ASN B 332 -28.95 2.55 -7.65
CA ASN B 332 -29.16 3.41 -6.54
C ASN B 332 -29.45 2.62 -5.30
N ARG B 333 -28.51 1.77 -4.95
CA ARG B 333 -28.64 0.89 -3.80
C ARG B 333 -27.29 0.66 -3.17
N ILE B 334 -27.15 -0.06 -2.07
CA ILE B 334 -25.88 -0.28 -1.44
C ILE B 334 -25.70 -1.76 -1.14
N GLY B 335 -24.58 -2.41 -1.32
CA GLY B 335 -24.48 -3.80 -0.94
C GLY B 335 -23.58 -3.93 0.26
N PHE B 336 -23.74 -4.97 1.01
CA PHE B 336 -22.89 -5.14 2.14
C PHE B 336 -22.48 -6.57 2.21
N ALA B 337 -21.31 -6.96 2.65
CA ALA B 337 -21.00 -8.35 2.86
C ALA B 337 -19.97 -8.41 3.96
N LEU B 338 -19.78 -9.55 4.61
CA LEU B 338 -18.85 -9.68 5.71
C LEU B 338 -17.51 -9.33 5.17
N ALA B 339 -16.75 -8.41 5.72
CA ALA B 339 -15.46 -8.04 5.17
C ALA B 339 -14.37 -8.91 5.73
N ARG B 340 -13.29 -9.19 5.00
CA ARG B 340 -12.16 -9.97 5.46
C ARG B 340 -10.91 -9.70 4.63
C1 C39 C . 13.40 -8.91 -0.90
O2 C39 C . 13.91 -9.79 0.09
C3 C39 C . 15.29 -10.01 -0.17
C4 C39 C . 16.14 -9.37 0.93
C5 C39 C . 17.17 -10.34 1.53
O6 C39 C . 18.15 -9.64 2.30
C7 C39 C . 18.83 -10.24 3.34
C8 C39 C . 18.01 -10.71 4.33
C9 C39 C . 18.55 -11.37 5.38
C10 C39 C . 19.91 -11.59 5.45
C11 C39 C . 20.75 -11.15 4.48
C12 C39 C . 20.21 -10.47 3.43
C13 C39 C . 21.04 -10.12 2.38
O14 C39 C . 22.03 -9.46 2.58
N15 C39 C . 20.56 -10.24 1.17
C16 C39 C . 21.11 -9.46 0.08
C17 C39 C . 21.16 -10.29 -1.15
C18 C39 C . 21.50 -11.77 -0.90
C19 C39 C . 20.31 -12.68 -0.62
C20 C39 C . 22.68 -12.04 0.03
C21 C39 C . 22.18 -9.75 -2.10
C22 C39 C . 22.33 -8.31 -2.49
N23 C39 C . 21.02 -7.75 -2.66
C24 C39 C . 23.01 -8.12 -3.84
O25 C39 C . 21.98 -8.35 -4.79
C26 C39 C . 23.57 -6.76 -4.06
C27 C39 C . 24.54 -6.65 -5.21
C28 C39 C . 24.83 -5.20 -5.44
C29 C39 C . 25.83 -7.34 -4.95
O30 C39 C . 26.20 -7.49 -3.80
N31 C39 C . 26.58 -7.78 -5.91
C32 C39 C . 27.13 -9.11 -5.80
C33 C39 C . 27.37 -9.63 -7.19
C34 C39 C . 27.68 -11.11 -7.16
C35 C39 C . 27.07 -11.87 -8.38
C1 C39 D . -12.84 7.57 7.20
O2 C39 D . -12.06 8.75 7.39
C3 C39 D . -12.82 9.91 7.07
C4 C39 D . -13.23 10.79 8.27
C5 C39 D . -12.46 12.10 8.37
O6 C39 D . -13.08 13.07 9.22
C7 C39 D . -12.32 14.15 9.73
C8 C39 D . -11.23 13.78 10.50
C9 C39 D . -10.28 14.72 10.89
C10 C39 D . -10.39 16.05 10.49
C11 C39 D . -11.47 16.46 9.72
C12 C39 D . -12.41 15.52 9.35
C13 C39 D . -13.55 15.98 8.72
O14 C39 D . -14.25 16.80 9.30
N15 C39 D . -14.00 15.40 7.63
C16 C39 D . -15.43 15.32 7.44
C17 C39 D . -15.70 14.93 6.02
C18 C39 D . -14.76 15.40 4.89
C19 C39 D . -13.60 14.54 4.61
C20 C39 D . -14.40 16.83 4.94
C21 C39 D . -17.11 15.37 5.64
C22 C39 D . -18.34 14.55 5.94
N23 C39 D . -18.10 13.16 5.67
C24 C39 D . -19.50 14.94 5.07
O25 C39 D . -19.27 14.25 3.86
C26 C39 D . -20.79 14.53 5.71
C27 C39 D . -22.10 15.01 5.17
C28 C39 D . -23.05 14.97 6.33
C29 C39 D . -22.07 16.42 4.59
O30 C39 D . -21.59 17.35 5.25
N31 C39 D . -22.57 16.58 3.35
C32 C39 D . -22.70 17.87 2.68
C33 C39 D . -21.34 18.52 2.48
C34 C39 D . -21.39 19.77 1.64
C35 C39 D . -21.46 19.46 0.14
#